data_5AMB
#
_entry.id   5AMB
#
_cell.length_a   72.979
_cell.length_b   76.950
_cell.length_c   83.219
_cell.angle_alpha   88.63
_cell.angle_beta   64.14
_cell.angle_gamma   75.22
#
_symmetry.space_group_name_H-M   'P 1'
#
loop_
_entity.id
_entity.type
_entity.pdbx_description
1 polymer 'ANGIOTENSIN-CONVERTING ENZYME'
2 polymer 'AMYLOID BETA A4 PROTEIN'
3 branched alpha-L-fucopyranose-(1-6)-2-acetamido-2-deoxy-beta-D-glucopyranose
4 branched 2-acetamido-2-deoxy-beta-D-glucopyranose-(1-4)-2-acetamido-2-deoxy-beta-D-glucopyranose
5 branched beta-D-mannopyranose-(1-4)-2-acetamido-2-deoxy-beta-D-glucopyranose-(1-4)-[alpha-L-fucopyranose-(1-6)]2-acetamido-2-deoxy-beta-D-glucopyranose
6 branched beta-D-mannopyranose-(1-4)-2-acetamido-2-deoxy-beta-D-glucopyranose-(1-4)-2-acetamido-2-deoxy-beta-D-glucopyranose
7 non-polymer 'ZINC ION'
8 non-polymer 'CHLORIDE ION'
9 non-polymer DI(HYDROXYETHYL)ETHER
10 non-polymer 'HEXAETHYLENE GLYCOL'
11 non-polymer 'TETRAETHYLENE GLYCOL'
12 water water
#
loop_
_entity_poly.entity_id
_entity_poly.type
_entity_poly.pdbx_seq_one_letter_code
_entity_poly.pdbx_strand_id
1 'polypeptide(L)'
;LDPGLQPGQFSADEAGAQLFAQSYQSSAEQVLFQSVAASWAHDTNITAENARRQEEAALLSQEFAEAWGQKAKELYEPIW
QQFTDPQLRRIIGAVRTLGSANLPLAKRQQYNALLSQMSRIYSTAKVCLPQKTATCWSLDPDLTNILASSRSYAMLLFAW
EGWHNAAGIPLKPLYEDFTALSNEAYKQDGFTDTGAYWRSWYNSPTFEDDLEHLYQQLEPLYLNLHAFVRRALHRRYGDR
YINLRGPIPAHLLGDMWAQSWENIYDMVVPFPDKPNLDVTSTMLQQGWQATHMFRVAEEFFTSLELSPMPPEFWEGSMLE
KPADGREVVCHASAWDFYNRKDFRIKQCTRVTMDQLSTVHHEMGHIQYYLQYKDLPVSLRRGANPGFHEAIGDVLALSVS
TPEHLHKIGLLDRVTNDTESDINYLLKMALEKIAFLPFGYLVDQWRWGVFSGRTPPSRYNFDWWYLRTKYQGICPPVTRN
ETHFDAGAKFHVPNVTPYIRYFVSFVLQFQFHEALCKEAGYEGPLHQCDIYRSTKAGAKLRKVLRAGSSRPWQEVLKDMV
GLDALDAQPLLKYFQLVTQWLQEQNQQNGEVLGWPEYQWHPPLPDNYPEGIDLVTDEAEASKFVEEYDL
;
A,B
2 'polypeptide(L)' MVGGVVIA P,Q
#
# COMPACT_ATOMS: atom_id res chain seq x y z
N LEU A 1 -31.07 9.54 31.18
CA LEU A 1 -31.57 8.18 30.91
C LEU A 1 -32.68 7.86 31.91
N ASP A 2 -33.82 7.42 31.40
CA ASP A 2 -34.98 7.08 32.21
C ASP A 2 -34.56 6.10 33.31
N PRO A 3 -35.01 6.33 34.56
CA PRO A 3 -34.62 5.43 35.66
C PRO A 3 -34.84 3.95 35.40
N GLY A 4 -35.92 3.61 34.71
CA GLY A 4 -36.17 2.22 34.32
C GLY A 4 -35.13 1.59 33.39
N LEU A 5 -34.38 2.43 32.67
CA LEU A 5 -33.36 1.97 31.72
C LEU A 5 -31.93 1.96 32.28
N GLN A 6 -31.77 2.45 33.52
CA GLN A 6 -30.47 2.51 34.16
C GLN A 6 -30.08 1.21 34.82
N PRO A 7 -28.77 0.89 34.82
CA PRO A 7 -28.30 -0.33 35.50
C PRO A 7 -28.25 -0.23 37.02
N GLY A 8 -28.60 -1.34 37.67
CA GLY A 8 -28.56 -1.43 39.13
C GLY A 8 -27.24 -1.99 39.61
N GLN A 9 -27.30 -2.77 40.68
CA GLN A 9 -26.11 -3.45 41.21
C GLN A 9 -26.13 -4.93 40.94
N PHE A 10 -24.92 -5.45 40.77
CA PHE A 10 -24.69 -6.83 40.53
C PHE A 10 -23.37 -7.15 41.15
N SER A 11 -23.25 -8.38 41.62
CA SER A 11 -22.03 -8.89 42.17
C SER A 11 -20.94 -8.87 41.10
N ALA A 12 -19.70 -8.73 41.55
CA ALA A 12 -18.59 -8.62 40.64
C ALA A 12 -18.13 -10.04 40.21
N ASP A 13 -19.08 -10.79 39.65
CA ASP A 13 -18.87 -12.18 39.33
C ASP A 13 -19.80 -12.67 38.22
N GLU A 14 -19.54 -13.92 37.77
CA GLU A 14 -20.20 -14.48 36.66
C GLU A 14 -21.73 -14.53 36.89
N ALA A 15 -22.15 -14.95 38.10
CA ALA A 15 -23.57 -15.06 38.41
C ALA A 15 -24.26 -13.68 38.40
N GLY A 16 -23.51 -12.65 38.79
CA GLY A 16 -23.93 -11.24 38.61
C GLY A 16 -24.01 -10.78 37.15
N ALA A 17 -23.04 -11.17 36.35
CA ALA A 17 -23.12 -10.88 34.92
C ALA A 17 -24.37 -11.40 34.24
N GLN A 18 -24.83 -12.61 34.68
CA GLN A 18 -25.98 -13.21 34.10
C GLN A 18 -27.26 -12.41 34.35
N LEU A 19 -27.47 -12.03 35.61
CA LEU A 19 -28.62 -11.19 35.98
C LEU A 19 -28.46 -9.82 35.30
N PHE A 20 -27.22 -9.39 35.17
CA PHE A 20 -26.87 -8.11 34.43
C PHE A 20 -27.29 -8.14 32.93
N ALA A 21 -26.96 -9.25 32.28
CA ALA A 21 -27.29 -9.43 30.88
C ALA A 21 -28.82 -9.49 30.76
N GLN A 22 -29.47 -10.11 31.73
CA GLN A 22 -30.92 -10.21 31.69
C GLN A 22 -31.59 -8.86 31.86
N SER A 23 -31.13 -8.07 32.86
CA SER A 23 -31.62 -6.74 33.08
C SER A 23 -31.36 -5.84 31.87
N TYR A 24 -30.18 -5.96 31.29
CA TYR A 24 -29.83 -5.25 30.04
C TYR A 24 -30.82 -5.53 28.93
N GLN A 25 -31.10 -6.84 28.69
CA GLN A 25 -31.95 -7.22 27.59
C GLN A 25 -33.32 -6.61 27.82
N SER A 26 -33.73 -6.50 29.09
CA SER A 26 -35.07 -6.02 29.42
C SER A 26 -35.28 -4.58 28.96
N SER A 27 -34.22 -3.78 29.02
CA SER A 27 -34.27 -2.38 28.60
C SER A 27 -33.73 -2.13 27.19
N ALA A 28 -32.76 -2.94 26.76
CA ALA A 28 -32.06 -2.73 25.48
C ALA A 28 -32.98 -2.82 24.28
N GLU A 29 -34.03 -3.69 24.33
CA GLU A 29 -34.96 -3.75 23.21
C GLU A 29 -35.72 -2.47 23.02
N GLN A 30 -36.10 -1.85 24.15
CA GLN A 30 -36.82 -0.62 24.09
C GLN A 30 -35.93 0.45 23.47
N VAL A 31 -34.66 0.47 23.85
CA VAL A 31 -33.71 1.50 23.37
C VAL A 31 -33.34 1.23 21.91
N LEU A 32 -33.07 -0.03 21.60
CA LEU A 32 -32.84 -0.43 20.22
C LEU A 32 -34.05 -0.12 19.33
N PHE A 33 -35.24 -0.45 19.81
CA PHE A 33 -36.44 -0.18 19.03
C PHE A 33 -36.61 1.31 18.70
N GLN A 34 -36.55 2.18 19.73
CA GLN A 34 -36.73 3.62 19.52
C GLN A 34 -35.72 4.15 18.51
N SER A 35 -34.51 3.62 18.54
CA SER A 35 -33.47 4.03 17.59
C SER A 35 -33.75 3.57 16.15
N VAL A 36 -34.10 2.30 16.01
CA VAL A 36 -34.39 1.75 14.69
C VAL A 36 -35.62 2.46 14.12
N ALA A 37 -36.62 2.66 14.99
CA ALA A 37 -37.85 3.35 14.56
C ALA A 37 -37.57 4.78 14.06
N ALA A 38 -36.73 5.50 14.80
CA ALA A 38 -36.37 6.86 14.42
C ALA A 38 -35.59 6.84 13.12
N SER A 39 -34.71 5.85 12.95
CA SER A 39 -33.96 5.69 11.71
C SER A 39 -34.89 5.36 10.54
N TRP A 40 -35.91 4.54 10.79
CA TRP A 40 -36.85 4.16 9.76
C TRP A 40 -37.63 5.35 9.27
N ALA A 41 -38.09 6.15 10.24
CA ALA A 41 -38.92 7.32 9.99
C ALA A 41 -38.14 8.32 9.16
N HIS A 42 -36.82 8.37 9.40
CA HIS A 42 -35.98 9.24 8.65
C HIS A 42 -35.70 8.69 7.26
N ASP A 43 -35.24 7.44 7.20
CA ASP A 43 -34.81 6.84 5.92
C ASP A 43 -35.96 6.64 4.93
N THR A 44 -37.19 6.59 5.41
CA THR A 44 -38.36 6.51 4.52
C THR A 44 -39.00 7.88 4.25
N ASN A 45 -38.37 8.95 4.74
CA ASN A 45 -38.99 10.25 4.75
C ASN A 45 -37.95 11.26 5.31
N ILE A 46 -36.97 11.58 4.46
CA ILE A 46 -35.82 12.39 4.87
C ILE A 46 -36.31 13.82 5.05
N THR A 47 -36.48 14.21 6.29
CA THR A 47 -36.73 15.62 6.64
C THR A 47 -35.79 16.07 7.75
N ALA A 48 -35.64 17.39 7.88
CA ALA A 48 -34.83 17.97 8.96
C ALA A 48 -35.38 17.51 10.31
N GLU A 49 -36.70 17.52 10.44
CA GLU A 49 -37.33 17.14 11.70
C GLU A 49 -37.15 15.65 12.00
N ASN A 50 -37.28 14.82 10.97
CA ASN A 50 -36.94 13.41 11.13
C ASN A 50 -35.45 13.17 11.44
N ALA A 51 -34.55 13.97 10.85
CA ALA A 51 -33.13 13.86 11.21
C ALA A 51 -32.90 14.23 12.68
N ARG A 52 -33.56 15.30 13.12
CA ARG A 52 -33.50 15.74 14.51
C ARG A 52 -33.96 14.61 15.45
N ARG A 53 -35.11 14.01 15.14
CA ARG A 53 -35.62 12.91 15.96
C ARG A 53 -34.63 11.74 15.99
N GLN A 54 -34.04 11.44 14.85
CA GLN A 54 -33.09 10.33 14.76
C GLN A 54 -31.80 10.63 15.57
N GLU A 55 -31.35 11.87 15.54
CA GLU A 55 -30.18 12.26 16.34
C GLU A 55 -30.45 12.16 17.85
N GLU A 56 -31.64 12.58 18.28
CA GLU A 56 -32.03 12.45 19.69
C GLU A 56 -32.14 10.99 20.11
N ALA A 57 -32.69 10.16 19.23
CA ALA A 57 -32.69 8.73 19.50
C ALA A 57 -31.27 8.11 19.62
N ALA A 58 -30.36 8.54 18.74
CA ALA A 58 -28.98 8.06 18.79
C ALA A 58 -28.32 8.46 20.10
N LEU A 59 -28.59 9.70 20.53
CA LEU A 59 -28.10 10.22 21.81
C LEU A 59 -28.56 9.38 22.98
N LEU A 60 -29.84 9.01 22.97
CA LEU A 60 -30.37 8.17 24.01
C LEU A 60 -29.67 6.81 23.98
N SER A 61 -29.47 6.24 22.79
CA SER A 61 -28.74 4.97 22.68
C SER A 61 -27.32 5.05 23.27
N GLN A 62 -26.65 6.18 23.03
CA GLN A 62 -25.32 6.41 23.59
C GLN A 62 -25.31 6.55 25.10
N GLU A 63 -26.30 7.24 25.66
CA GLU A 63 -26.46 7.31 27.13
C GLU A 63 -26.61 5.92 27.72
N PHE A 64 -27.47 5.12 27.07
CA PHE A 64 -27.73 3.78 27.52
C PHE A 64 -26.44 2.96 27.45
N ALA A 65 -25.78 3.01 26.29
CA ALA A 65 -24.53 2.27 26.08
C ALA A 65 -23.45 2.69 27.06
N GLU A 66 -23.32 4.00 27.32
CA GLU A 66 -22.38 4.48 28.33
C GLU A 66 -22.68 3.93 29.75
N ALA A 67 -23.93 4.01 30.17
CA ALA A 67 -24.27 3.61 31.53
C ALA A 67 -24.02 2.10 31.75
N TRP A 68 -24.43 1.29 30.77
CA TRP A 68 -24.31 -0.16 30.90
C TRP A 68 -22.86 -0.57 30.62
N GLY A 69 -22.21 0.13 29.69
CA GLY A 69 -20.78 -0.05 29.42
C GLY A 69 -19.85 0.23 30.58
N GLN A 70 -20.04 1.37 31.25
CA GLN A 70 -19.19 1.77 32.40
C GLN A 70 -19.35 0.84 33.57
N LYS A 71 -20.59 0.37 33.75
CA LYS A 71 -20.89 -0.58 34.80
C LYS A 71 -20.22 -1.93 34.56
N ALA A 72 -20.18 -2.35 33.30
CA ALA A 72 -19.51 -3.61 32.93
C ALA A 72 -18.02 -3.53 33.22
N LYS A 73 -17.41 -2.37 32.94
CA LYS A 73 -16.00 -2.14 33.23
C LYS A 73 -15.72 -2.00 34.74
N GLU A 74 -16.59 -1.27 35.44
CA GLU A 74 -16.49 -1.12 36.90
C GLU A 74 -16.30 -2.46 37.60
N LEU A 75 -17.15 -3.41 37.27
CA LEU A 75 -17.19 -4.67 37.99
C LEU A 75 -16.21 -5.74 37.48
N TYR A 76 -15.73 -5.59 36.24
CA TYR A 76 -15.04 -6.67 35.54
C TYR A 76 -13.74 -6.35 34.74
N GLU A 77 -13.40 -5.09 34.52
CA GLU A 77 -12.26 -4.84 33.61
C GLU A 77 -10.98 -5.66 33.89
N PRO A 78 -10.60 -5.82 35.18
CA PRO A 78 -9.42 -6.63 35.44
C PRO A 78 -9.57 -8.17 35.26
N ILE A 79 -10.81 -8.68 35.20
CA ILE A 79 -11.08 -10.13 35.33
C ILE A 79 -11.91 -10.81 34.24
N TRP A 80 -12.53 -10.05 33.35
CA TRP A 80 -13.83 -10.46 32.66
C TRP A 80 -14.03 -11.62 31.65
N GLN A 81 -12.94 -12.17 31.13
CA GLN A 81 -12.95 -13.00 29.91
C GLN A 81 -12.89 -14.52 30.18
N GLN A 82 -12.93 -14.86 31.46
CA GLN A 82 -12.70 -16.16 31.95
C GLN A 82 -14.04 -16.80 32.32
N PHE A 83 -15.16 -16.12 32.01
CA PHE A 83 -16.49 -16.69 32.24
C PHE A 83 -16.63 -18.09 31.59
N THR A 84 -17.31 -18.97 32.29
CA THR A 84 -17.56 -20.35 31.80
C THR A 84 -18.63 -20.35 30.72
N ASP A 85 -19.53 -19.37 30.79
CA ASP A 85 -20.64 -19.31 29.83
C ASP A 85 -20.17 -18.55 28.60
N PRO A 86 -19.97 -19.26 27.47
CA PRO A 86 -19.46 -18.57 26.28
C PRO A 86 -20.41 -17.54 25.70
N GLN A 87 -21.70 -17.74 25.88
CA GLN A 87 -22.70 -16.83 25.32
C GLN A 87 -22.75 -15.56 26.15
N LEU A 88 -22.66 -15.75 27.46
CA LEU A 88 -22.50 -14.65 28.41
C LEU A 88 -21.22 -13.89 28.14
N ARG A 89 -20.11 -14.58 27.82
CA ARG A 89 -18.88 -13.81 27.45
C ARG A 89 -19.15 -12.91 26.22
N ARG A 90 -19.81 -13.47 25.22
CA ARG A 90 -20.09 -12.66 24.01
C ARG A 90 -21.01 -11.46 24.29
N ILE A 91 -21.99 -11.65 25.18
CA ILE A 91 -22.93 -10.59 25.54
C ILE A 91 -22.17 -9.50 26.25
N ILE A 92 -21.40 -9.90 27.26
CA ILE A 92 -20.63 -8.89 28.03
C ILE A 92 -19.65 -8.19 27.15
N GLY A 93 -18.90 -8.95 26.38
CA GLY A 93 -17.88 -8.37 25.45
C GLY A 93 -18.47 -7.29 24.58
N ALA A 94 -19.71 -7.48 24.13
CA ALA A 94 -20.40 -6.50 23.29
C ALA A 94 -20.83 -5.27 24.08
N VAL A 95 -21.40 -5.49 25.28
CA VAL A 95 -21.91 -4.37 26.13
C VAL A 95 -20.78 -3.48 26.53
N ARG A 96 -19.67 -4.08 26.85
CA ARG A 96 -18.55 -3.21 27.25
C ARG A 96 -17.80 -2.43 26.13
N THR A 97 -18.17 -2.64 24.88
CA THR A 97 -17.58 -1.84 23.81
C THR A 97 -18.46 -0.63 23.63
N LEU A 98 -17.99 0.54 24.06
CA LEU A 98 -18.83 1.75 24.09
C LEU A 98 -18.93 2.41 22.72
N GLY A 99 -17.87 2.32 21.93
CA GLY A 99 -17.84 2.96 20.63
C GLY A 99 -18.04 4.44 20.79
N SER A 100 -18.99 4.99 20.03
CA SER A 100 -19.22 6.44 20.01
C SER A 100 -19.74 6.98 21.36
N ALA A 101 -20.26 6.10 22.23
CA ALA A 101 -20.59 6.50 23.59
C ALA A 101 -19.38 6.87 24.47
N ASN A 102 -18.16 6.60 24.01
CA ASN A 102 -16.93 7.08 24.66
C ASN A 102 -16.70 8.56 24.45
N LEU A 103 -17.31 9.11 23.40
CA LEU A 103 -17.14 10.54 23.12
C LEU A 103 -17.84 11.39 24.15
N PRO A 104 -17.23 12.54 24.53
CA PRO A 104 -17.99 13.44 25.39
C PRO A 104 -19.24 13.96 24.66
N LEU A 105 -20.24 14.40 25.41
CA LEU A 105 -21.54 14.81 24.84
C LEU A 105 -21.43 15.68 23.59
N ALA A 106 -20.65 16.77 23.63
CA ALA A 106 -20.55 17.62 22.45
C ALA A 106 -20.04 16.88 21.21
N LYS A 107 -19.10 15.96 21.40
CA LYS A 107 -18.56 15.22 20.30
C LYS A 107 -19.53 14.09 19.85
N ARG A 108 -20.32 13.53 20.78
CA ARG A 108 -21.41 12.61 20.40
C ARG A 108 -22.39 13.29 19.50
N GLN A 109 -22.77 14.51 19.85
CA GLN A 109 -23.73 15.27 19.06
C GLN A 109 -23.13 15.60 17.69
N GLN A 110 -21.86 15.97 17.64
CA GLN A 110 -21.16 16.20 16.38
C GLN A 110 -21.16 14.94 15.53
N TYR A 111 -20.82 13.82 16.16
CA TYR A 111 -20.77 12.52 15.47
C TYR A 111 -22.13 12.18 14.87
N ASN A 112 -23.18 12.29 15.68
CA ASN A 112 -24.52 11.94 15.23
C ASN A 112 -25.00 12.84 14.11
N ALA A 113 -24.65 14.13 14.17
CA ALA A 113 -25.03 15.04 13.11
C ALA A 113 -24.26 14.76 11.83
N LEU A 114 -23.00 14.36 11.92
CA LEU A 114 -22.22 14.04 10.74
C LEU A 114 -22.85 12.82 10.01
N LEU A 115 -23.29 11.85 10.76
CA LEU A 115 -23.88 10.64 10.15
C LEU A 115 -25.18 11.04 9.44
N SER A 116 -25.98 11.87 10.09
CA SER A 116 -27.26 12.34 9.49
C SER A 116 -27.01 13.15 8.20
N GLN A 117 -26.04 14.08 8.24
CA GLN A 117 -25.77 14.93 7.09
CA GLN A 117 -25.72 14.94 7.11
C GLN A 117 -25.15 14.15 5.94
N MET A 118 -24.27 13.19 6.25
CA MET A 118 -23.66 12.34 5.20
C MET A 118 -24.76 11.48 4.54
N SER A 119 -25.66 10.96 5.35
CA SER A 119 -26.80 10.14 4.80
C SER A 119 -27.66 11.00 3.89
N ARG A 120 -27.94 12.22 4.32
CA ARG A 120 -28.79 13.15 3.57
C ARG A 120 -28.16 13.50 2.25
N ILE A 121 -26.88 13.85 2.28
CA ILE A 121 -26.18 14.21 1.07
C ILE A 121 -26.21 13.07 0.03
N TYR A 122 -25.87 11.88 0.47
CA TYR A 122 -25.82 10.72 -0.44
C TYR A 122 -27.20 10.45 -1.05
N SER A 123 -28.21 10.40 -0.20
CA SER A 123 -29.52 9.93 -0.66
C SER A 123 -30.38 10.99 -1.33
N THR A 124 -30.00 12.26 -1.26
CA THR A 124 -30.74 13.33 -1.93
C THR A 124 -29.96 14.00 -3.07
N ALA A 125 -28.72 13.54 -3.33
CA ALA A 125 -27.92 14.12 -4.40
C ALA A 125 -28.61 13.87 -5.72
N LYS A 126 -28.51 14.84 -6.62
CA LYS A 126 -29.15 14.79 -7.92
C LYS A 126 -28.16 15.21 -9.00
N VAL A 127 -28.42 14.74 -10.22
CA VAL A 127 -27.69 15.22 -11.38
C VAL A 127 -28.63 16.07 -12.22
N CYS A 128 -28.28 17.33 -12.48
CA CYS A 128 -29.16 18.22 -13.22
C CYS A 128 -28.63 18.49 -14.62
N LEU A 129 -29.53 18.74 -15.56
CA LEU A 129 -29.17 18.92 -16.98
C LEU A 129 -28.57 20.30 -17.25
N THR A 133 -32.05 22.69 -18.74
CA THR A 133 -33.32 22.36 -18.09
C THR A 133 -33.23 22.55 -16.58
N ALA A 134 -34.38 22.76 -15.95
CA ALA A 134 -34.53 22.71 -14.50
C ALA A 134 -34.80 21.30 -13.93
N THR A 135 -34.54 20.26 -14.73
CA THR A 135 -34.93 18.89 -14.41
C THR A 135 -33.69 18.12 -13.96
N CYS A 136 -33.88 17.26 -12.95
CA CYS A 136 -32.77 16.56 -12.30
C CYS A 136 -33.01 15.05 -12.10
N TRP A 137 -31.94 14.29 -12.24
CA TRP A 137 -32.02 12.84 -12.13
C TRP A 137 -31.55 12.35 -10.77
N SER A 138 -32.30 11.42 -10.18
CA SER A 138 -31.90 10.75 -8.96
C SER A 138 -31.04 9.53 -9.30
N LEU A 139 -30.31 9.04 -8.32
CA LEU A 139 -29.51 7.83 -8.53
C LEU A 139 -30.40 6.64 -8.88
N ASP A 140 -31.43 6.45 -8.06
CA ASP A 140 -32.39 5.38 -8.22
C ASP A 140 -33.78 6.02 -8.40
N PRO A 141 -34.44 5.88 -9.55
CA PRO A 141 -34.07 4.94 -10.63
C PRO A 141 -33.30 5.52 -11.81
N ASP A 142 -33.22 6.86 -11.93
CA ASP A 142 -32.82 7.48 -13.20
C ASP A 142 -31.39 7.16 -13.65
N LEU A 143 -30.42 7.41 -12.78
CA LEU A 143 -29.04 7.18 -13.16
C LEU A 143 -28.71 5.71 -13.29
N THR A 144 -29.27 4.93 -12.36
CA THR A 144 -29.18 3.48 -12.42
C THR A 144 -29.62 2.94 -13.80
N ASN A 145 -30.74 3.45 -14.31
CA ASN A 145 -31.26 3.01 -15.61
C ASN A 145 -30.35 3.44 -16.77
N ILE A 146 -29.75 4.62 -16.67
CA ILE A 146 -28.82 5.06 -17.70
C ILE A 146 -27.58 4.16 -17.74
N LEU A 147 -26.99 3.90 -16.57
CA LEU A 147 -25.84 3.03 -16.46
C LEU A 147 -26.14 1.63 -16.96
N ALA A 148 -27.36 1.15 -16.67
CA ALA A 148 -27.78 -0.20 -17.06
C ALA A 148 -28.05 -0.34 -18.55
N SER A 149 -28.58 0.71 -19.17
CA SER A 149 -29.19 0.53 -20.51
C SER A 149 -28.76 1.51 -21.61
N SER A 150 -28.10 2.62 -21.28
CA SER A 150 -27.49 3.44 -22.32
C SER A 150 -26.18 2.75 -22.78
N ARG A 151 -25.96 2.86 -24.08
CA ARG A 151 -24.78 2.39 -24.71
C ARG A 151 -24.11 3.59 -25.42
N SER A 152 -24.54 4.78 -25.03
CA SER A 152 -23.91 6.03 -25.48
C SER A 152 -22.76 6.38 -24.54
N TYR A 153 -21.54 6.32 -25.05
CA TYR A 153 -20.36 6.65 -24.27
C TYR A 153 -20.53 8.02 -23.55
N ALA A 154 -20.94 9.03 -24.31
CA ALA A 154 -21.13 10.38 -23.76
C ALA A 154 -22.23 10.48 -22.71
N MET A 155 -23.33 9.73 -22.91
CA MET A 155 -24.42 9.76 -21.95
C MET A 155 -24.04 9.07 -20.66
N LEU A 156 -23.46 7.88 -20.80
CA LEU A 156 -22.90 7.16 -19.66
C LEU A 156 -21.91 8.02 -18.89
N LEU A 157 -21.09 8.76 -19.64
CA LEU A 157 -20.10 9.65 -19.01
C LEU A 157 -20.79 10.75 -18.21
N PHE A 158 -21.80 11.40 -18.81
CA PHE A 158 -22.59 12.41 -18.11
C PHE A 158 -23.17 11.92 -16.78
N ALA A 159 -23.76 10.75 -16.81
CA ALA A 159 -24.34 10.16 -15.62
C ALA A 159 -23.27 9.79 -14.56
N TRP A 160 -22.18 9.17 -14.99
CA TRP A 160 -21.09 8.76 -14.10
C TRP A 160 -20.41 9.96 -13.43
N GLU A 161 -20.03 10.91 -14.26
CA GLU A 161 -19.37 12.13 -13.74
C GLU A 161 -20.32 12.93 -12.86
N GLY A 162 -21.55 13.12 -13.35
CA GLY A 162 -22.57 13.82 -12.64
C GLY A 162 -22.76 13.29 -11.24
N TRP A 163 -22.96 11.97 -11.13
CA TRP A 163 -23.18 11.34 -9.84
C TRP A 163 -21.97 11.46 -8.91
N HIS A 164 -20.80 11.12 -9.43
CA HIS A 164 -19.59 11.12 -8.59
C HIS A 164 -19.29 12.54 -8.06
N ASN A 165 -19.45 13.52 -8.94
CA ASN A 165 -19.31 14.94 -8.53
C ASN A 165 -20.37 15.40 -7.53
N ALA A 166 -21.64 15.07 -7.79
CA ALA A 166 -22.73 15.51 -6.91
C ALA A 166 -22.71 14.90 -5.52
N ALA A 167 -22.38 13.60 -5.42
CA ALA A 167 -22.39 12.95 -4.13
C ALA A 167 -21.07 13.16 -3.41
N GLY A 168 -19.96 12.96 -4.13
CA GLY A 168 -18.65 12.81 -3.48
C GLY A 168 -18.07 14.13 -2.95
N ILE A 169 -18.13 15.16 -3.78
CA ILE A 169 -17.50 16.44 -3.46
C ILE A 169 -17.96 17.01 -2.12
N PRO A 170 -19.28 17.16 -1.91
CA PRO A 170 -19.72 17.70 -0.60
C PRO A 170 -19.49 16.78 0.60
N LEU A 171 -19.29 15.48 0.39
CA LEU A 171 -19.12 14.57 1.48
C LEU A 171 -17.73 14.65 2.11
N LYS A 172 -16.74 15.09 1.34
CA LYS A 172 -15.34 14.93 1.77
C LYS A 172 -15.06 15.58 3.12
N PRO A 173 -15.43 16.86 3.30
CA PRO A 173 -15.08 17.43 4.62
C PRO A 173 -15.78 16.77 5.81
N LEU A 174 -16.99 16.24 5.57
CA LEU A 174 -17.72 15.58 6.63
C LEU A 174 -17.07 14.22 6.95
N TYR A 175 -16.67 13.51 5.91
CA TYR A 175 -16.06 12.21 6.06
C TYR A 175 -14.71 12.27 6.85
N GLU A 176 -13.93 13.31 6.58
CA GLU A 176 -12.72 13.56 7.37
C GLU A 176 -13.03 13.72 8.85
N ASP A 177 -14.05 14.52 9.17
CA ASP A 177 -14.43 14.76 10.55
C ASP A 177 -14.97 13.48 11.21
N PHE A 178 -15.79 12.73 10.46
CA PHE A 178 -16.32 11.48 10.97
C PHE A 178 -15.20 10.50 11.34
N THR A 179 -14.22 10.41 10.46
CA THR A 179 -13.12 9.47 10.61
C THR A 179 -12.37 9.77 11.89
N ALA A 180 -12.06 11.04 12.11
CA ALA A 180 -11.39 11.40 13.33
C ALA A 180 -12.18 11.08 14.59
N LEU A 181 -13.48 11.39 14.59
CA LEU A 181 -14.31 11.13 15.74
C LEU A 181 -14.47 9.64 15.97
N SER A 182 -14.70 8.89 14.89
CA SER A 182 -14.82 7.44 15.01
C SER A 182 -13.57 6.81 15.66
N ASN A 183 -12.38 7.24 15.20
CA ASN A 183 -11.15 6.72 15.72
C ASN A 183 -10.98 7.11 17.18
N GLU A 184 -11.30 8.36 17.50
CA GLU A 184 -11.22 8.81 18.90
C GLU A 184 -12.09 7.93 19.81
N ALA A 185 -13.30 7.62 19.34
CA ALA A 185 -14.21 6.76 20.05
C ALA A 185 -13.65 5.35 20.29
N TYR A 186 -13.22 4.66 19.23
CA TYR A 186 -12.81 3.27 19.35
C TYR A 186 -11.44 3.06 19.98
N LYS A 187 -10.58 4.10 19.91
CA LYS A 187 -9.31 4.05 20.63
C LYS A 187 -9.56 3.90 22.12
N GLN A 188 -10.65 4.48 22.61
CA GLN A 188 -10.99 4.37 24.03
CA GLN A 188 -11.04 4.37 24.03
C GLN A 188 -11.50 2.96 24.40
N ASP A 189 -11.88 2.16 23.41
CA ASP A 189 -12.21 0.73 23.67
C ASP A 189 -10.99 -0.19 23.55
N GLY A 190 -9.83 0.36 23.19
CA GLY A 190 -8.56 -0.41 23.12
C GLY A 190 -8.09 -0.73 21.71
N PHE A 191 -8.77 -0.20 20.71
CA PHE A 191 -8.47 -0.54 19.31
C PHE A 191 -7.59 0.54 18.73
N THR A 192 -6.60 0.13 17.93
CA THR A 192 -5.71 1.10 17.28
C THR A 192 -6.46 2.11 16.42
N ASP A 193 -7.54 1.68 15.76
CA ASP A 193 -8.37 2.53 14.93
C ASP A 193 -9.68 1.79 14.67
N THR A 194 -10.62 2.49 14.05
CA THR A 194 -11.97 1.92 13.83
C THR A 194 -11.89 0.66 12.97
N GLY A 195 -11.00 0.66 11.97
CA GLY A 195 -10.87 -0.53 11.11
C GLY A 195 -10.49 -1.75 11.90
N ALA A 196 -9.62 -1.61 12.91
CA ALA A 196 -9.25 -2.74 13.71
C ALA A 196 -10.46 -3.30 14.47
N TYR A 197 -11.34 -2.41 14.90
CA TYR A 197 -12.56 -2.81 15.57
C TYR A 197 -13.44 -3.59 14.58
N TRP A 198 -13.64 -3.04 13.40
CA TRP A 198 -14.47 -3.77 12.36
C TRP A 198 -13.90 -5.13 12.05
N ARG A 199 -12.57 -5.24 11.92
CA ARG A 199 -11.98 -6.54 11.59
C ARG A 199 -12.12 -7.55 12.74
N SER A 200 -12.23 -7.05 13.97
CA SER A 200 -12.31 -7.88 15.17
C SER A 200 -13.54 -8.77 15.16
N TRP A 201 -14.57 -8.38 14.42
CA TRP A 201 -15.82 -9.18 14.33
C TRP A 201 -15.59 -10.55 13.72
N TYR A 202 -14.48 -10.76 13.02
CA TYR A 202 -14.16 -12.05 12.42
C TYR A 202 -13.32 -12.96 13.31
N ASN A 203 -12.90 -12.45 14.47
CA ASN A 203 -12.17 -13.23 15.44
C ASN A 203 -11.18 -14.21 14.80
N SER A 204 -10.31 -13.65 13.98
CA SER A 204 -9.28 -14.38 13.30
C SER A 204 -8.01 -13.52 13.32
N PRO A 205 -6.94 -13.96 14.01
CA PRO A 205 -5.70 -13.16 14.04
C PRO A 205 -5.00 -13.04 12.67
N THR A 206 -5.39 -13.88 11.72
CA THR A 206 -4.79 -13.91 10.40
C THR A 206 -5.79 -13.44 9.31
N PHE A 207 -6.82 -12.69 9.70
CA PHE A 207 -7.88 -12.30 8.77
C PHE A 207 -7.37 -11.69 7.46
N GLU A 208 -6.54 -10.67 7.54
CA GLU A 208 -6.07 -9.97 6.34
C GLU A 208 -5.26 -10.89 5.45
N ASP A 209 -4.39 -11.72 6.03
CA ASP A 209 -3.60 -12.68 5.27
C ASP A 209 -4.52 -13.74 4.64
N ASP A 210 -5.51 -14.20 5.39
CA ASP A 210 -6.47 -15.19 4.86
C ASP A 210 -7.23 -14.66 3.66
N LEU A 211 -7.63 -13.39 3.72
CA LEU A 211 -8.33 -12.74 2.61
C LEU A 211 -7.44 -12.60 1.40
N GLU A 212 -6.17 -12.25 1.63
CA GLU A 212 -5.25 -12.08 0.55
C GLU A 212 -4.98 -13.40 -0.18
N HIS A 213 -4.87 -14.49 0.59
CA HIS A 213 -4.72 -15.83 0.01
C HIS A 213 -5.94 -16.26 -0.81
N LEU A 214 -7.14 -15.92 -0.33
CA LEU A 214 -8.36 -16.20 -1.13
C LEU A 214 -8.31 -15.45 -2.39
N TYR A 215 -8.00 -14.15 -2.31
CA TYR A 215 -7.99 -13.36 -3.52
C TYR A 215 -6.96 -13.86 -4.57
N GLN A 216 -5.78 -14.31 -4.12
CA GLN A 216 -4.80 -14.87 -5.02
C GLN A 216 -5.37 -16.03 -5.83
N GLN A 217 -6.22 -16.84 -5.22
CA GLN A 217 -6.84 -17.98 -5.95
C GLN A 217 -7.92 -17.52 -6.95
N LEU A 218 -8.57 -16.41 -6.63
CA LEU A 218 -9.70 -15.91 -7.42
C LEU A 218 -9.27 -15.00 -8.55
N GLU A 219 -8.13 -14.30 -8.37
CA GLU A 219 -7.71 -13.29 -9.32
C GLU A 219 -7.60 -13.77 -10.80
N PRO A 220 -7.06 -14.98 -11.04
CA PRO A 220 -6.98 -15.37 -12.44
C PRO A 220 -8.38 -15.45 -13.12
N LEU A 221 -9.40 -15.79 -12.33
CA LEU A 221 -10.77 -15.87 -12.89
C LEU A 221 -11.23 -14.48 -13.29
N TYR A 222 -10.94 -13.52 -12.42
CA TYR A 222 -11.29 -12.16 -12.72
C TYR A 222 -10.51 -11.66 -13.93
N LEU A 223 -9.19 -11.88 -13.98
CA LEU A 223 -8.40 -11.38 -15.10
C LEU A 223 -8.92 -11.88 -16.44
N ASN A 224 -9.32 -13.14 -16.49
CA ASN A 224 -9.84 -13.68 -17.75
C ASN A 224 -11.22 -13.13 -18.10
N LEU A 225 -12.07 -12.98 -17.11
CA LEU A 225 -13.38 -12.38 -17.34
C LEU A 225 -13.22 -10.95 -17.85
N HIS A 226 -12.33 -10.20 -17.17
CA HIS A 226 -12.04 -8.84 -17.56
C HIS A 226 -11.57 -8.71 -19.01
N ALA A 227 -10.64 -9.54 -19.42
CA ALA A 227 -10.09 -9.47 -20.80
C ALA A 227 -11.16 -9.79 -21.86
N PHE A 228 -12.00 -10.76 -21.55
CA PHE A 228 -13.04 -11.19 -22.49
C PHE A 228 -14.08 -10.08 -22.63
N VAL A 229 -14.48 -9.51 -21.51
CA VAL A 229 -15.39 -8.35 -21.49
C VAL A 229 -14.80 -7.14 -22.17
N ARG A 230 -13.54 -6.81 -21.85
CA ARG A 230 -12.89 -5.69 -22.53
C ARG A 230 -12.92 -5.84 -24.06
N ARG A 231 -12.72 -7.06 -24.54
CA ARG A 231 -12.81 -7.34 -25.96
C ARG A 231 -14.22 -7.07 -26.52
N ALA A 232 -15.24 -7.52 -25.81
CA ALA A 232 -16.63 -7.26 -26.19
C ALA A 232 -16.94 -5.75 -26.27
N LEU A 233 -16.43 -4.99 -25.31
CA LEU A 233 -16.62 -3.55 -25.29
C LEU A 233 -15.88 -2.87 -26.44
N HIS A 234 -14.68 -3.35 -26.75
CA HIS A 234 -13.87 -2.83 -27.86
C HIS A 234 -14.66 -2.97 -29.17
N ARG A 235 -15.29 -4.12 -29.34
CA ARG A 235 -16.10 -4.36 -30.53
C ARG A 235 -17.26 -3.36 -30.68
N ARG A 236 -17.76 -2.81 -29.58
CA ARG A 236 -18.84 -1.81 -29.65
C ARG A 236 -18.34 -0.38 -29.66
N TYR A 237 -17.43 -0.08 -28.74
CA TYR A 237 -17.01 1.32 -28.53
C TYR A 237 -15.80 1.72 -29.37
N GLY A 238 -15.03 0.75 -29.86
CA GLY A 238 -13.89 1.03 -30.70
C GLY A 238 -12.62 1.42 -29.96
N ASP A 239 -11.57 1.60 -30.75
CA ASP A 239 -10.20 1.75 -30.26
C ASP A 239 -9.96 3.06 -29.51
N ARG A 240 -10.77 4.07 -29.82
CA ARG A 240 -10.67 5.36 -29.16
C ARG A 240 -11.05 5.28 -27.68
N TYR A 241 -12.07 4.52 -27.35
CA TYR A 241 -12.59 4.47 -25.98
C TYR A 241 -12.22 3.21 -25.20
N ILE A 242 -11.69 2.20 -25.88
CA ILE A 242 -11.24 0.97 -25.24
C ILE A 242 -9.84 0.65 -25.68
N ASN A 243 -8.96 0.51 -24.69
CA ASN A 243 -7.60 0.06 -24.87
C ASN A 243 -7.52 -1.42 -24.48
N LEU A 244 -7.22 -2.28 -25.47
CA LEU A 244 -7.12 -3.71 -25.24
C LEU A 244 -5.97 -4.11 -24.32
N ARG A 245 -5.08 -3.17 -24.01
CA ARG A 245 -4.03 -3.43 -23.02
C ARG A 245 -4.08 -2.52 -21.81
N GLY A 246 -5.20 -1.81 -21.65
CA GLY A 246 -5.35 -0.84 -20.55
C GLY A 246 -6.58 -1.09 -19.71
N PRO A 247 -6.79 -0.29 -18.66
CA PRO A 247 -7.97 -0.45 -17.82
C PRO A 247 -9.26 -0.12 -18.57
N ILE A 248 -10.37 -0.75 -18.19
CA ILE A 248 -11.64 -0.41 -18.78
C ILE A 248 -12.21 0.89 -18.19
N PRO A 249 -12.69 1.82 -19.04
CA PRO A 249 -13.39 2.98 -18.49
C PRO A 249 -14.54 2.62 -17.54
N ALA A 250 -14.56 3.26 -16.38
CA ALA A 250 -15.33 2.80 -15.23
C ALA A 250 -16.85 2.90 -15.36
N HIS A 251 -17.30 3.56 -16.43
CA HIS A 251 -18.73 3.84 -16.67
C HIS A 251 -19.42 2.90 -17.67
N LEU A 252 -18.68 1.92 -18.20
CA LEU A 252 -19.13 1.11 -19.34
C LEU A 252 -19.58 -0.32 -18.99
N LEU A 253 -19.70 -0.63 -17.70
CA LEU A 253 -19.85 -2.01 -17.25
C LEU A 253 -21.24 -2.33 -16.68
N GLY A 254 -22.17 -1.38 -16.79
CA GLY A 254 -23.58 -1.58 -16.50
C GLY A 254 -24.06 -1.04 -15.17
N ASP A 255 -23.11 -0.57 -14.35
CA ASP A 255 -23.36 -0.32 -12.96
C ASP A 255 -22.54 0.93 -12.62
N MET A 256 -23.08 1.76 -11.73
CA MET A 256 -22.41 3.04 -11.34
C MET A 256 -21.00 2.82 -10.80
N TRP A 257 -20.81 1.69 -10.12
CA TRP A 257 -19.51 1.35 -9.45
C TRP A 257 -18.70 0.29 -10.18
N ALA A 258 -19.17 -0.11 -11.37
CA ALA A 258 -18.58 -1.22 -12.09
C ALA A 258 -18.46 -2.47 -11.22
N GLN A 259 -19.38 -2.64 -10.27
CA GLN A 259 -19.23 -3.71 -9.27
C GLN A 259 -19.91 -5.02 -9.65
N SER A 260 -20.94 -4.92 -10.50
CA SER A 260 -21.62 -6.14 -11.08
C SER A 260 -21.74 -5.80 -12.53
N TRP A 261 -21.45 -6.77 -13.41
CA TRP A 261 -21.46 -6.50 -14.83
C TRP A 261 -22.66 -7.19 -15.53
N GLU A 262 -23.63 -7.62 -14.75
CA GLU A 262 -24.84 -8.32 -15.33
C GLU A 262 -25.54 -7.54 -16.45
N ASN A 263 -25.57 -6.20 -16.40
CA ASN A 263 -26.30 -5.42 -17.41
C ASN A 263 -25.72 -5.42 -18.79
N ILE A 264 -24.47 -5.83 -18.94
CA ILE A 264 -23.86 -5.90 -20.26
C ILE A 264 -23.83 -7.32 -20.79
N TYR A 265 -24.53 -8.23 -20.12
CA TYR A 265 -24.70 -9.62 -20.61
C TYR A 265 -25.03 -9.74 -22.09
N ASP A 266 -25.87 -8.86 -22.66
CA ASP A 266 -26.23 -9.03 -24.10
C ASP A 266 -25.04 -8.78 -25.01
N MET A 267 -24.06 -7.96 -24.54
CA MET A 267 -22.85 -7.71 -25.33
C MET A 267 -21.81 -8.79 -25.26
N VAL A 268 -21.87 -9.59 -24.20
CA VAL A 268 -20.84 -10.59 -23.97
C VAL A 268 -21.30 -12.05 -24.11
N VAL A 269 -22.62 -12.28 -24.14
CA VAL A 269 -23.17 -13.66 -24.20
C VAL A 269 -22.53 -14.44 -25.33
N PRO A 270 -21.87 -15.56 -25.01
CA PRO A 270 -21.12 -16.30 -25.99
C PRO A 270 -21.96 -16.99 -27.09
N PHE A 271 -23.17 -17.43 -26.73
CA PHE A 271 -24.03 -18.21 -27.64
C PHE A 271 -25.45 -17.61 -27.67
N PRO A 272 -25.62 -16.49 -28.38
CA PRO A 272 -26.90 -15.76 -28.48
C PRO A 272 -28.13 -16.56 -28.95
N ASP A 273 -27.91 -17.70 -29.61
CA ASP A 273 -29.00 -18.48 -30.20
C ASP A 273 -29.62 -19.49 -29.21
N LYS A 274 -29.06 -19.55 -28.00
CA LYS A 274 -29.59 -20.40 -26.94
C LYS A 274 -30.58 -19.55 -26.13
N PRO A 275 -31.27 -20.15 -25.12
CA PRO A 275 -32.32 -19.40 -24.43
C PRO A 275 -31.77 -18.11 -23.80
N ASN A 276 -32.56 -17.05 -23.81
CA ASN A 276 -32.12 -15.79 -23.24
C ASN A 276 -32.28 -15.84 -21.72
N LEU A 277 -31.17 -15.89 -21.00
CA LEU A 277 -31.15 -16.11 -19.55
C LEU A 277 -31.40 -14.88 -18.72
N ASP A 278 -31.41 -13.72 -19.37
CA ASP A 278 -31.83 -12.52 -18.70
C ASP A 278 -33.32 -12.41 -18.90
N VAL A 279 -34.08 -12.75 -17.86
CA VAL A 279 -35.56 -12.80 -17.93
C VAL A 279 -36.26 -11.47 -17.64
N THR A 280 -35.48 -10.37 -17.55
CA THR A 280 -36.07 -9.09 -17.28
C THR A 280 -37.20 -8.74 -18.26
N SER A 281 -36.96 -8.94 -19.56
CA SER A 281 -37.95 -8.56 -20.56
C SER A 281 -39.23 -9.43 -20.41
N THR A 282 -39.08 -10.68 -19.99
CA THR A 282 -40.23 -11.55 -19.67
C THR A 282 -40.98 -11.08 -18.43
N MET A 283 -40.26 -10.64 -17.39
CA MET A 283 -40.93 -10.07 -16.21
C MET A 283 -41.79 -8.85 -16.59
N LEU A 284 -41.21 -7.99 -17.45
CA LEU A 284 -41.91 -6.80 -17.94
C LEU A 284 -43.11 -7.17 -18.83
N GLN A 285 -42.87 -8.04 -19.81
CA GLN A 285 -43.95 -8.56 -20.66
C GLN A 285 -45.08 -9.19 -19.83
N GLN A 286 -44.72 -9.93 -18.78
CA GLN A 286 -45.71 -10.54 -17.87
C GLN A 286 -46.35 -9.63 -16.85
N GLY A 287 -45.83 -8.40 -16.68
CA GLY A 287 -46.44 -7.45 -15.76
C GLY A 287 -46.11 -7.69 -14.30
N TRP A 288 -44.90 -8.22 -14.03
CA TRP A 288 -44.44 -8.36 -12.66
C TRP A 288 -44.33 -6.98 -12.02
N GLN A 289 -44.69 -6.90 -10.74
CA GLN A 289 -44.49 -5.71 -9.88
C GLN A 289 -43.74 -6.12 -8.63
N ALA A 290 -43.37 -5.14 -7.81
CA ALA A 290 -42.59 -5.42 -6.61
C ALA A 290 -43.24 -6.45 -5.70
N THR A 291 -44.56 -6.31 -5.51
CA THR A 291 -45.33 -7.25 -4.68
C THR A 291 -45.15 -8.73 -5.10
N HIS A 292 -45.17 -9.00 -6.41
CA HIS A 292 -45.02 -10.38 -6.92
C HIS A 292 -43.60 -10.86 -6.61
N MET A 293 -42.64 -9.95 -6.75
CA MET A 293 -41.25 -10.35 -6.56
C MET A 293 -41.05 -10.79 -5.11
N PHE A 294 -41.60 -10.04 -4.16
CA PHE A 294 -41.47 -10.38 -2.75
C PHE A 294 -42.22 -11.65 -2.38
N ARG A 295 -43.39 -11.83 -2.98
CA ARG A 295 -44.14 -13.06 -2.73
C ARG A 295 -43.47 -14.31 -3.29
N VAL A 296 -42.86 -14.18 -4.47
CA VAL A 296 -42.11 -15.27 -5.08
C VAL A 296 -40.89 -15.61 -4.22
N ALA A 297 -40.19 -14.60 -3.72
CA ALA A 297 -39.05 -14.86 -2.85
C ALA A 297 -39.53 -15.55 -1.59
N GLU A 298 -40.62 -15.05 -1.00
CA GLU A 298 -41.16 -15.65 0.21
C GLU A 298 -41.48 -17.14 0.01
N GLU A 299 -42.08 -17.45 -1.14
CA GLU A 299 -42.48 -18.83 -1.36
C GLU A 299 -41.28 -19.76 -1.46
N PHE A 300 -40.14 -19.27 -1.96
CA PHE A 300 -38.94 -20.11 -1.94
C PHE A 300 -38.53 -20.44 -0.48
N PHE A 301 -38.55 -19.45 0.41
CA PHE A 301 -38.28 -19.72 1.81
C PHE A 301 -39.25 -20.73 2.42
N THR A 302 -40.55 -20.59 2.14
CA THR A 302 -41.50 -21.47 2.80
C THR A 302 -41.40 -22.88 2.19
N SER A 303 -40.94 -22.96 0.94
CA SER A 303 -40.71 -24.25 0.26
C SER A 303 -39.69 -25.11 1.03
N LEU A 304 -38.76 -24.42 1.72
CA LEU A 304 -37.75 -25.07 2.54
C LEU A 304 -38.21 -25.27 3.99
N GLU A 305 -39.48 -24.95 4.28
CA GLU A 305 -40.05 -24.91 5.62
C GLU A 305 -39.34 -23.91 6.53
N LEU A 306 -38.87 -22.83 5.92
CA LEU A 306 -38.46 -21.65 6.69
C LEU A 306 -39.70 -20.75 6.86
N SER A 307 -39.58 -19.63 7.58
CA SER A 307 -40.74 -18.87 7.98
C SER A 307 -41.25 -17.96 6.85
N PRO A 308 -42.58 -17.82 6.74
CA PRO A 308 -43.08 -16.77 5.87
C PRO A 308 -42.80 -15.40 6.47
N MET A 309 -42.97 -14.35 5.68
CA MET A 309 -42.86 -12.99 6.21
C MET A 309 -44.12 -12.70 7.01
N PRO A 310 -43.98 -12.18 8.24
CA PRO A 310 -45.14 -11.89 9.09
C PRO A 310 -46.00 -10.70 8.58
N PRO A 311 -47.25 -10.59 9.08
CA PRO A 311 -48.12 -9.48 8.70
C PRO A 311 -47.46 -8.12 8.88
N GLU A 312 -46.73 -7.96 9.98
CA GLU A 312 -45.99 -6.71 10.27
C GLU A 312 -45.02 -6.31 9.17
N PHE A 313 -44.42 -7.30 8.51
CA PHE A 313 -43.52 -7.06 7.39
C PHE A 313 -44.26 -6.46 6.20
N TRP A 314 -45.41 -7.05 5.87
CA TRP A 314 -46.19 -6.58 4.72
C TRP A 314 -46.80 -5.21 4.99
N GLU A 315 -47.26 -5.03 6.22
CA GLU A 315 -47.90 -3.75 6.62
C GLU A 315 -46.91 -2.60 6.74
N GLY A 316 -45.65 -2.92 7.09
CA GLY A 316 -44.65 -1.88 7.44
C GLY A 316 -43.61 -1.54 6.39
N SER A 317 -43.34 -2.48 5.47
CA SER A 317 -42.23 -2.35 4.55
C SER A 317 -42.49 -1.28 3.49
N MET A 318 -41.40 -0.74 2.97
CA MET A 318 -41.44 0.17 1.84
C MET A 318 -40.84 -0.60 0.69
N LEU A 319 -41.70 -1.06 -0.23
CA LEU A 319 -41.26 -1.97 -1.30
C LEU A 319 -41.15 -1.33 -2.67
N GLU A 320 -41.53 -0.05 -2.77
CA GLU A 320 -41.42 0.70 -4.00
C GLU A 320 -40.99 2.09 -3.56
N LYS A 321 -40.35 2.83 -4.45
CA LYS A 321 -40.04 4.25 -4.17
C LYS A 321 -41.35 5.04 -4.06
N PRO A 322 -41.54 5.86 -2.99
CA PRO A 322 -42.80 6.59 -2.91
C PRO A 322 -43.08 7.49 -4.11
N ALA A 323 -44.32 7.46 -4.56
CA ALA A 323 -44.76 8.17 -5.74
C ALA A 323 -45.20 9.61 -5.44
N ASP A 324 -45.32 9.93 -4.15
CA ASP A 324 -45.52 11.33 -3.74
C ASP A 324 -44.24 12.18 -3.85
N GLY A 325 -43.10 11.55 -4.16
CA GLY A 325 -41.84 12.26 -4.36
C GLY A 325 -41.10 12.63 -3.08
N ARG A 326 -41.57 12.16 -1.92
CA ARG A 326 -40.79 12.14 -0.66
C ARG A 326 -39.37 11.77 -1.02
N GLU A 327 -38.41 12.39 -0.32
CA GLU A 327 -37.04 11.94 -0.38
C GLU A 327 -36.91 10.72 0.55
N VAL A 328 -36.28 9.65 0.04
CA VAL A 328 -36.01 8.45 0.80
C VAL A 328 -34.58 7.97 0.53
N VAL A 329 -34.07 7.15 1.45
CA VAL A 329 -32.86 6.37 1.20
C VAL A 329 -33.28 5.17 0.33
N CYS A 330 -32.95 5.19 -0.94
CA CYS A 330 -33.36 4.05 -1.82
C CYS A 330 -32.51 2.81 -1.70
N HIS A 331 -31.28 2.92 -1.21
CA HIS A 331 -30.44 1.75 -1.12
C HIS A 331 -31.09 0.62 -0.34
N ALA A 332 -31.17 -0.54 -0.97
CA ALA A 332 -31.92 -1.63 -0.37
C ALA A 332 -31.35 -2.05 0.98
N SER A 333 -32.23 -2.23 1.96
CA SER A 333 -31.84 -2.70 3.28
C SER A 333 -32.97 -3.44 4.01
N ALA A 334 -32.57 -4.22 4.98
CA ALA A 334 -33.41 -5.08 5.78
C ALA A 334 -33.24 -4.76 7.27
N TRP A 335 -34.37 -4.68 7.96
CA TRP A 335 -34.48 -4.04 9.26
C TRP A 335 -35.03 -4.93 10.33
N ASP A 336 -34.28 -5.03 11.42
CA ASP A 336 -34.74 -5.70 12.63
C ASP A 336 -35.01 -4.58 13.62
N PHE A 337 -36.24 -4.49 14.15
CA PHE A 337 -36.60 -3.44 15.12
C PHE A 337 -36.35 -3.86 16.57
N TYR A 338 -35.83 -5.08 16.77
CA TYR A 338 -35.45 -5.58 18.09
C TYR A 338 -36.58 -5.75 19.10
N ASN A 339 -37.83 -5.86 18.61
CA ASN A 339 -38.97 -6.11 19.48
C ASN A 339 -39.61 -7.45 19.16
N ARG A 340 -38.94 -8.25 18.35
CA ARG A 340 -39.37 -9.62 17.97
C ARG A 340 -40.66 -9.68 17.18
N LYS A 341 -41.13 -8.55 16.68
CA LYS A 341 -42.38 -8.43 15.97
C LYS A 341 -42.20 -7.71 14.63
N ASP A 342 -41.52 -6.57 14.64
CA ASP A 342 -41.38 -5.74 13.45
C ASP A 342 -40.07 -6.01 12.73
N PHE A 343 -40.19 -6.30 11.44
CA PHE A 343 -39.09 -6.62 10.56
C PHE A 343 -39.54 -6.08 9.22
N ARG A 344 -38.69 -5.36 8.52
CA ARG A 344 -39.07 -4.70 7.29
C ARG A 344 -37.93 -4.61 6.31
N ILE A 345 -38.31 -4.51 5.05
CA ILE A 345 -37.39 -4.19 3.99
C ILE A 345 -37.79 -2.81 3.48
N LYS A 346 -36.76 -2.04 3.14
CA LYS A 346 -36.91 -0.77 2.48
C LYS A 346 -36.11 -0.89 1.18
N GLN A 347 -36.83 -1.00 0.07
CA GLN A 347 -36.24 -1.17 -1.24
C GLN A 347 -37.06 -0.39 -2.26
N CYS A 348 -36.40 0.40 -3.10
CA CYS A 348 -37.04 1.09 -4.22
C CYS A 348 -37.06 0.13 -5.39
N THR A 349 -37.88 -0.90 -5.25
CA THR A 349 -37.78 -2.06 -6.15
C THR A 349 -38.11 -1.68 -7.59
N ARG A 350 -37.29 -2.18 -8.51
CA ARG A 350 -37.50 -2.07 -9.93
C ARG A 350 -37.68 -3.48 -10.49
N VAL A 351 -38.40 -3.57 -11.59
CA VAL A 351 -38.80 -4.88 -12.12
C VAL A 351 -37.73 -5.36 -13.08
N THR A 352 -36.73 -6.04 -12.51
CA THR A 352 -35.64 -6.60 -13.25
C THR A 352 -35.22 -7.89 -12.60
N MET A 353 -34.53 -8.72 -13.38
CA MET A 353 -33.93 -9.95 -12.85
C MET A 353 -32.95 -9.69 -11.70
N ASP A 354 -32.07 -8.72 -11.86
CA ASP A 354 -31.10 -8.45 -10.78
C ASP A 354 -31.80 -8.00 -9.51
N GLN A 355 -32.92 -7.26 -9.68
CA GLN A 355 -33.70 -6.81 -8.54
C GLN A 355 -34.42 -7.98 -7.85
N LEU A 356 -34.85 -8.97 -8.65
CA LEU A 356 -35.37 -10.17 -8.03
C LEU A 356 -34.31 -10.83 -7.14
N SER A 357 -33.06 -10.86 -7.61
CA SER A 357 -31.94 -11.36 -6.77
C SER A 357 -31.80 -10.52 -5.50
N THR A 358 -31.90 -9.21 -5.66
CA THR A 358 -31.75 -8.29 -4.50
C THR A 358 -32.88 -8.49 -3.49
N VAL A 359 -34.10 -8.77 -3.99
CA VAL A 359 -35.18 -9.09 -3.07
C VAL A 359 -34.86 -10.32 -2.22
N HIS A 360 -34.28 -11.35 -2.86
CA HIS A 360 -33.88 -12.54 -2.11
C HIS A 360 -32.77 -12.22 -1.09
N HIS A 361 -31.79 -11.41 -1.50
CA HIS A 361 -30.73 -10.98 -0.60
C HIS A 361 -31.31 -10.35 0.69
N GLU A 362 -32.17 -9.35 0.51
CA GLU A 362 -32.81 -8.69 1.63
C GLU A 362 -33.69 -9.60 2.45
N MET A 363 -34.45 -10.48 1.77
CA MET A 363 -35.29 -11.39 2.51
C MET A 363 -34.49 -12.42 3.33
N GLY A 364 -33.29 -12.77 2.85
CA GLY A 364 -32.34 -13.59 3.60
C GLY A 364 -31.97 -12.97 4.95
N HIS A 365 -31.70 -11.66 4.93
CA HIS A 365 -31.53 -10.90 6.18
C HIS A 365 -32.74 -11.05 7.13
N ILE A 366 -33.95 -10.84 6.59
CA ILE A 366 -35.18 -10.95 7.36
C ILE A 366 -35.33 -12.36 7.95
N GLN A 367 -35.04 -13.37 7.14
CA GLN A 367 -35.16 -14.75 7.61
C GLN A 367 -34.24 -15.00 8.79
N TYR A 368 -32.99 -14.50 8.68
CA TYR A 368 -32.04 -14.57 9.83
C TYR A 368 -32.71 -13.93 11.10
N TYR A 369 -33.25 -12.72 10.93
CA TYR A 369 -33.91 -12.02 12.04
C TYR A 369 -35.04 -12.82 12.66
N LEU A 370 -35.89 -13.42 11.79
CA LEU A 370 -36.99 -14.22 12.29
C LEU A 370 -36.54 -15.45 13.09
N GLN A 371 -35.44 -16.07 12.66
CA GLN A 371 -34.96 -17.31 13.26
C GLN A 371 -34.21 -17.09 14.57
N TYR A 372 -33.54 -15.94 14.71
CA TYR A 372 -32.84 -15.67 15.98
C TYR A 372 -33.51 -14.66 16.91
N LYS A 373 -34.77 -14.29 16.62
CA LYS A 373 -35.45 -13.22 17.36
C LYS A 373 -35.56 -13.43 18.86
N ASP A 374 -35.47 -14.67 19.31
CA ASP A 374 -35.60 -14.98 20.72
C ASP A 374 -34.28 -15.18 21.46
N LEU A 375 -33.16 -15.06 20.77
CA LEU A 375 -31.87 -15.03 21.45
C LEU A 375 -31.74 -13.70 22.20
N PRO A 376 -30.77 -13.64 23.14
CA PRO A 376 -30.44 -12.37 23.75
C PRO A 376 -30.08 -11.35 22.67
N VAL A 377 -30.58 -10.13 22.87
CA VAL A 377 -30.41 -9.05 21.90
C VAL A 377 -28.93 -8.85 21.38
N SER A 378 -27.94 -9.12 22.23
CA SER A 378 -26.52 -9.02 21.81
C SER A 378 -26.06 -10.10 20.82
N LEU A 379 -26.75 -11.24 20.84
CA LEU A 379 -26.52 -12.38 19.96
C LEU A 379 -27.37 -12.40 18.69
N ARG A 380 -28.14 -11.34 18.49
CA ARG A 380 -29.00 -11.23 17.28
C ARG A 380 -28.17 -10.59 16.19
N ARG A 381 -27.20 -11.36 15.68
CA ARG A 381 -26.33 -10.95 14.60
C ARG A 381 -25.99 -12.22 13.84
N GLY A 382 -25.34 -12.06 12.71
CA GLY A 382 -24.87 -13.20 11.97
C GLY A 382 -23.71 -13.85 12.68
N ALA A 383 -23.45 -15.13 12.41
CA ALA A 383 -22.25 -15.75 13.02
C ALA A 383 -20.98 -14.91 12.73
N ASN A 384 -20.88 -14.34 11.54
CA ASN A 384 -20.10 -13.10 11.32
C ASN A 384 -20.89 -12.29 10.32
N PRO A 385 -20.55 -11.05 10.02
CA PRO A 385 -21.39 -10.27 9.10
C PRO A 385 -21.48 -10.85 7.67
N GLY A 386 -20.45 -11.58 7.22
CA GLY A 386 -20.45 -12.23 5.93
C GLY A 386 -21.56 -13.29 5.84
N PHE A 387 -21.84 -13.97 6.95
CA PHE A 387 -22.97 -15.00 6.97
C PHE A 387 -24.26 -14.29 6.68
N HIS A 388 -24.47 -13.12 7.30
CA HIS A 388 -25.72 -12.39 7.09
C HIS A 388 -25.92 -12.00 5.64
N GLU A 389 -24.86 -11.56 5.00
CA GLU A 389 -24.91 -11.20 3.59
C GLU A 389 -25.09 -12.39 2.62
N ALA A 390 -24.77 -13.59 3.06
CA ALA A 390 -24.77 -14.76 2.18
C ALA A 390 -26.14 -15.46 2.05
N ILE A 391 -26.96 -15.34 3.07
CA ILE A 391 -28.17 -16.19 3.24
C ILE A 391 -29.06 -16.09 2.00
N GLY A 392 -29.48 -14.89 1.66
CA GLY A 392 -30.40 -14.72 0.51
C GLY A 392 -29.74 -14.99 -0.81
N ASP A 393 -28.44 -14.65 -0.92
CA ASP A 393 -27.68 -14.94 -2.14
C ASP A 393 -27.65 -16.46 -2.43
N VAL A 394 -27.58 -17.28 -1.40
CA VAL A 394 -27.55 -18.73 -1.55
C VAL A 394 -28.88 -19.18 -2.24
N LEU A 395 -30.01 -18.72 -1.73
CA LEU A 395 -31.29 -19.08 -2.36
C LEU A 395 -31.35 -18.56 -3.78
N ALA A 396 -30.82 -17.35 -3.99
CA ALA A 396 -30.85 -16.74 -5.31
C ALA A 396 -30.02 -17.53 -6.31
N LEU A 397 -28.98 -18.24 -5.85
CA LEU A 397 -28.22 -19.12 -6.74
C LEU A 397 -29.11 -20.21 -7.31
N SER A 398 -29.99 -20.75 -6.47
CA SER A 398 -30.99 -21.80 -6.97
C SER A 398 -32.01 -21.14 -7.88
N VAL A 399 -32.50 -19.95 -7.52
CA VAL A 399 -33.56 -19.27 -8.28
C VAL A 399 -33.14 -18.91 -9.71
N SER A 400 -31.88 -18.49 -9.87
CA SER A 400 -31.39 -18.05 -11.17
C SER A 400 -31.13 -19.19 -12.17
N THR A 401 -31.15 -20.45 -11.72
CA THR A 401 -30.88 -21.57 -12.62
C THR A 401 -31.95 -21.60 -13.71
N PRO A 402 -31.55 -21.87 -14.96
CA PRO A 402 -32.58 -21.99 -16.02
C PRO A 402 -33.68 -23.00 -15.63
N GLU A 403 -33.32 -24.06 -14.92
CA GLU A 403 -34.33 -25.06 -14.49
C GLU A 403 -35.33 -24.41 -13.54
N HIS A 404 -34.85 -23.62 -12.58
CA HIS A 404 -35.79 -23.00 -11.67
C HIS A 404 -36.63 -21.92 -12.36
N LEU A 405 -36.00 -21.11 -13.21
CA LEU A 405 -36.70 -20.04 -13.90
C LEU A 405 -37.86 -20.65 -14.72
N HIS A 406 -37.61 -21.81 -15.32
CA HIS A 406 -38.71 -22.53 -16.01
C HIS A 406 -39.86 -22.86 -15.08
N LYS A 407 -39.54 -23.33 -13.87
CA LYS A 407 -40.56 -23.72 -12.87
C LYS A 407 -41.47 -22.53 -12.54
N ILE A 408 -40.92 -21.32 -12.51
CA ILE A 408 -41.71 -20.16 -12.12
C ILE A 408 -42.22 -19.32 -13.30
N GLY A 409 -42.19 -19.89 -14.50
CA GLY A 409 -42.83 -19.28 -15.65
C GLY A 409 -42.05 -18.18 -16.32
N LEU A 410 -40.74 -18.09 -16.01
CA LEU A 410 -39.88 -17.05 -16.58
C LEU A 410 -38.96 -17.48 -17.70
N LEU A 411 -38.95 -18.77 -18.04
CA LEU A 411 -38.12 -19.23 -19.12
C LEU A 411 -38.78 -20.43 -19.73
N ASP A 412 -39.33 -20.25 -20.92
CA ASP A 412 -40.08 -21.33 -21.57
C ASP A 412 -39.16 -22.46 -22.03
N ARG A 413 -38.18 -22.10 -22.85
CA ARG A 413 -37.22 -23.09 -23.39
C ARG A 413 -36.44 -23.73 -22.26
N VAL A 414 -36.23 -25.03 -22.40
CA VAL A 414 -35.44 -25.85 -21.53
C VAL A 414 -34.34 -26.39 -22.43
N THR A 415 -33.09 -26.25 -22.00
CA THR A 415 -31.95 -26.82 -22.71
C THR A 415 -30.95 -27.37 -21.69
N ASN A 416 -30.21 -28.40 -22.06
CA ASN A 416 -29.11 -28.88 -21.23
C ASN A 416 -27.91 -29.28 -22.09
N ASP A 417 -27.19 -28.28 -22.58
CA ASP A 417 -26.07 -28.50 -23.47
C ASP A 417 -24.91 -27.63 -23.05
N THR A 418 -23.74 -27.84 -23.63
CA THR A 418 -22.51 -27.19 -23.17
C THR A 418 -22.56 -25.70 -23.44
N GLU A 419 -23.18 -25.29 -24.54
CA GLU A 419 -23.26 -23.84 -24.83
C GLU A 419 -24.14 -23.10 -23.84
N SER A 420 -25.29 -23.69 -23.52
CA SER A 420 -26.20 -23.12 -22.55
C SER A 420 -25.56 -23.01 -21.18
N ASP A 421 -24.75 -24.00 -20.84
CA ASP A 421 -23.99 -23.97 -19.58
C ASP A 421 -22.98 -22.85 -19.54
N ILE A 422 -22.26 -22.67 -20.65
CA ILE A 422 -21.29 -21.54 -20.71
C ILE A 422 -22.01 -20.21 -20.60
N ASN A 423 -23.14 -20.05 -21.29
CA ASN A 423 -23.93 -18.82 -21.21
C ASN A 423 -24.32 -18.55 -19.76
N TYR A 424 -24.83 -19.55 -19.08
CA TYR A 424 -25.30 -19.38 -17.71
C TYR A 424 -24.14 -19.03 -16.78
N LEU A 425 -23.08 -19.80 -16.89
CA LEU A 425 -21.89 -19.57 -16.04
C LEU A 425 -21.26 -18.21 -16.34
N LEU A 426 -21.27 -17.77 -17.59
CA LEU A 426 -20.74 -16.42 -17.91
C LEU A 426 -21.63 -15.37 -17.27
N LYS A 427 -22.94 -15.52 -17.40
CA LYS A 427 -23.87 -14.60 -16.75
C LYS A 427 -23.64 -14.51 -15.24
N MET A 428 -23.51 -15.66 -14.59
CA MET A 428 -23.25 -15.72 -13.16
C MET A 428 -21.88 -15.11 -12.83
N ALA A 429 -20.91 -15.30 -13.70
CA ALA A 429 -19.56 -14.71 -13.50
C ALA A 429 -19.65 -13.20 -13.56
N LEU A 430 -20.45 -12.66 -14.46
CA LEU A 430 -20.60 -11.16 -14.52
C LEU A 430 -21.11 -10.55 -13.19
N GLU A 431 -21.90 -11.31 -12.47
CA GLU A 431 -22.50 -10.93 -11.19
C GLU A 431 -21.55 -11.21 -10.03
N LYS A 432 -20.94 -12.40 -10.00
CA LYS A 432 -20.23 -12.94 -8.84
C LYS A 432 -18.71 -12.72 -8.92
N ILE A 433 -18.09 -13.02 -10.06
CA ILE A 433 -16.65 -12.92 -10.25
C ILE A 433 -16.26 -11.44 -10.40
N ALA A 434 -17.02 -10.67 -11.17
CA ALA A 434 -16.74 -9.25 -11.43
C ALA A 434 -16.71 -8.47 -10.13
N PHE A 435 -17.53 -8.87 -9.17
CA PHE A 435 -17.66 -8.20 -7.89
C PHE A 435 -16.42 -8.35 -7.01
N LEU A 436 -15.72 -9.48 -7.11
CA LEU A 436 -14.75 -9.91 -6.11
C LEU A 436 -13.69 -8.81 -5.85
N PRO A 437 -13.10 -8.24 -6.90
CA PRO A 437 -12.07 -7.14 -6.65
C PRO A 437 -12.68 -5.98 -5.92
N PHE A 438 -13.91 -5.60 -6.27
CA PHE A 438 -14.60 -4.47 -5.62
C PHE A 438 -14.89 -4.78 -4.16
N GLY A 439 -15.50 -5.95 -3.90
CA GLY A 439 -15.74 -6.37 -2.56
C GLY A 439 -14.50 -6.39 -1.66
N TYR A 440 -13.35 -6.71 -2.25
CA TYR A 440 -12.08 -6.77 -1.55
C TYR A 440 -11.51 -5.37 -1.30
N LEU A 441 -11.55 -4.51 -2.32
CA LEU A 441 -10.84 -3.22 -2.24
C LEU A 441 -11.50 -2.17 -1.37
N VAL A 442 -12.81 -2.12 -1.25
CA VAL A 442 -13.47 -1.00 -0.56
C VAL A 442 -12.98 -0.85 0.86
N ASP A 443 -12.92 -1.92 1.62
CA ASP A 443 -12.40 -1.80 3.00
C ASP A 443 -10.88 -1.80 3.07
N GLN A 444 -10.16 -2.24 2.04
CA GLN A 444 -8.72 -1.93 2.03
C GLN A 444 -8.56 -0.41 2.03
N TRP A 445 -9.34 0.28 1.20
CA TRP A 445 -9.32 1.75 1.16
C TRP A 445 -9.66 2.34 2.54
N ARG A 446 -10.75 1.88 3.11
CA ARG A 446 -11.23 2.40 4.36
C ARG A 446 -10.36 2.04 5.58
N TRP A 447 -9.79 0.85 5.59
CA TRP A 447 -8.85 0.47 6.65
C TRP A 447 -7.64 1.42 6.59
N GLY A 448 -7.22 1.81 5.39
CA GLY A 448 -6.07 2.75 5.23
C GLY A 448 -6.43 4.13 5.69
N VAL A 449 -7.67 4.55 5.45
CA VAL A 449 -8.14 5.82 5.95
C VAL A 449 -8.19 5.84 7.49
N PHE A 450 -8.78 4.81 8.09
CA PHE A 450 -8.87 4.73 9.53
C PHE A 450 -7.50 4.67 10.19
N SER A 451 -6.56 4.00 9.54
CA SER A 451 -5.24 3.81 10.13
C SER A 451 -4.36 5.07 9.97
N GLY A 452 -4.80 5.99 9.12
CA GLY A 452 -3.98 7.19 8.77
C GLY A 452 -2.98 6.95 7.67
N ARG A 453 -2.84 5.73 7.14
CA ARG A 453 -2.03 5.52 5.95
C ARG A 453 -2.55 6.35 4.76
N THR A 454 -3.86 6.60 4.70
CA THR A 454 -4.46 7.39 3.66
C THR A 454 -5.08 8.62 4.32
N PRO A 455 -4.30 9.74 4.38
CA PRO A 455 -4.88 10.96 4.85
C PRO A 455 -5.80 11.60 3.83
N PRO A 456 -6.53 12.64 4.24
CA PRO A 456 -7.44 13.32 3.29
C PRO A 456 -6.78 13.75 1.99
N SER A 457 -5.52 14.14 2.05
CA SER A 457 -4.79 14.53 0.86
C SER A 457 -4.58 13.43 -0.17
N ARG A 458 -4.89 12.18 0.22
CA ARG A 458 -4.77 11.06 -0.70
C ARG A 458 -6.02 10.21 -0.81
N TYR A 459 -7.16 10.71 -0.34
CA TYR A 459 -8.40 9.88 -0.43
C TYR A 459 -8.63 9.36 -1.83
N ASN A 460 -8.55 10.25 -2.82
CA ASN A 460 -8.93 9.87 -4.22
C ASN A 460 -7.81 9.16 -4.93
N PHE A 461 -6.59 9.62 -4.72
CA PHE A 461 -5.40 8.97 -5.23
C PHE A 461 -5.33 7.49 -4.82
N ASP A 462 -5.56 7.20 -3.56
CA ASP A 462 -5.50 5.85 -3.07
C ASP A 462 -6.73 5.04 -3.50
N TRP A 463 -7.88 5.68 -3.54
CA TRP A 463 -9.11 5.02 -4.08
C TRP A 463 -8.85 4.52 -5.49
N TRP A 464 -8.43 5.43 -6.37
CA TRP A 464 -8.14 5.05 -7.75
C TRP A 464 -6.94 4.11 -7.91
N TYR A 465 -5.93 4.19 -7.05
CA TYR A 465 -4.89 3.19 -7.06
C TYR A 465 -5.51 1.78 -6.89
N LEU A 466 -6.37 1.64 -5.90
CA LEU A 466 -6.99 0.34 -5.57
C LEU A 466 -7.96 -0.08 -6.66
N ARG A 467 -8.75 0.85 -7.14
CA ARG A 467 -9.71 0.53 -8.24
C ARG A 467 -8.98 0.01 -9.46
N THR A 468 -7.87 0.65 -9.81
CA THR A 468 -7.08 0.20 -10.93
C THR A 468 -6.35 -1.12 -10.61
N LYS A 469 -5.67 -1.19 -9.46
CA LYS A 469 -4.98 -2.40 -9.05
C LYS A 469 -5.85 -3.66 -9.12
N TYR A 470 -7.04 -3.56 -8.56
CA TYR A 470 -7.91 -4.74 -8.38
C TYR A 470 -8.91 -4.90 -9.51
N GLN A 471 -9.64 -3.85 -9.81
CA GLN A 471 -10.69 -3.99 -10.89
C GLN A 471 -10.17 -3.77 -12.30
N GLY A 472 -9.03 -3.08 -12.46
CA GLY A 472 -8.59 -2.83 -13.82
C GLY A 472 -9.50 -1.90 -14.58
N ILE A 473 -9.96 -0.86 -13.88
CA ILE A 473 -10.78 0.19 -14.47
C ILE A 473 -10.07 1.54 -14.22
N CYS A 474 -10.46 2.51 -15.02
CA CYS A 474 -9.97 3.91 -14.87
C CYS A 474 -11.14 4.87 -14.93
N PRO A 475 -11.04 6.03 -14.23
CA PRO A 475 -12.07 7.03 -14.38
C PRO A 475 -12.10 7.60 -15.80
N PRO A 476 -13.32 7.83 -16.35
CA PRO A 476 -13.45 8.31 -17.72
C PRO A 476 -13.21 9.83 -17.90
N VAL A 477 -13.18 10.57 -16.80
CA VAL A 477 -12.72 11.96 -16.78
C VAL A 477 -11.66 12.09 -15.70
N THR A 478 -10.84 13.13 -15.85
CA THR A 478 -9.79 13.38 -14.87
C THR A 478 -10.39 13.63 -13.50
N ARG A 479 -9.72 13.11 -12.47
CA ARG A 479 -10.10 13.35 -11.09
C ARG A 479 -8.90 13.98 -10.36
N ASN A 480 -9.21 14.67 -9.30
CA ASN A 480 -8.22 15.26 -8.41
C ASN A 480 -8.73 15.15 -6.97
N GLU A 481 -8.01 15.69 -5.99
CA GLU A 481 -8.39 15.49 -4.60
C GLU A 481 -9.56 16.32 -4.09
N THR A 482 -10.11 17.17 -4.94
CA THR A 482 -11.38 17.82 -4.65
C THR A 482 -12.49 16.77 -4.79
N HIS A 483 -12.27 15.83 -5.69
CA HIS A 483 -13.22 14.72 -5.84
C HIS A 483 -13.04 13.72 -4.72
N PHE A 484 -14.11 13.01 -4.36
CA PHE A 484 -14.11 12.06 -3.29
C PHE A 484 -15.00 10.90 -3.75
N ASP A 485 -14.43 10.18 -4.70
CA ASP A 485 -15.20 9.16 -5.43
C ASP A 485 -15.63 7.98 -4.56
N ALA A 486 -14.85 7.63 -3.56
CA ALA A 486 -15.30 6.66 -2.54
C ALA A 486 -16.61 7.08 -1.88
N GLY A 487 -16.82 8.37 -1.72
CA GLY A 487 -18.03 8.87 -1.07
C GLY A 487 -19.29 8.71 -1.91
N ALA A 488 -19.13 8.46 -3.21
CA ALA A 488 -20.27 8.27 -4.11
C ALA A 488 -20.77 6.80 -4.12
N LYS A 489 -20.24 6.00 -3.21
CA LYS A 489 -20.72 4.63 -2.96
C LYS A 489 -21.42 4.58 -1.63
N PHE A 490 -22.69 4.13 -1.62
CA PHE A 490 -23.53 4.19 -0.44
C PHE A 490 -22.87 3.88 0.90
N HIS A 491 -22.17 2.79 0.94
CA HIS A 491 -21.69 2.27 2.15
C HIS A 491 -20.62 3.17 2.86
N VAL A 492 -19.96 4.03 2.13
CA VAL A 492 -18.94 4.93 2.71
C VAL A 492 -19.62 6.03 3.58
N PRO A 493 -20.47 6.92 2.99
CA PRO A 493 -21.18 7.88 3.87
C PRO A 493 -22.14 7.25 4.85
N ASN A 494 -22.69 6.06 4.52
CA ASN A 494 -23.57 5.39 5.47
C ASN A 494 -22.87 4.46 6.47
N VAL A 495 -21.54 4.51 6.45
CA VAL A 495 -20.69 3.85 7.42
C VAL A 495 -21.12 2.41 7.65
N THR A 496 -21.23 1.69 6.54
CA THR A 496 -21.57 0.28 6.55
C THR A 496 -20.31 -0.44 6.06
N PRO A 497 -19.72 -1.31 6.90
CA PRO A 497 -18.55 -2.05 6.47
C PRO A 497 -18.81 -2.93 5.23
N TYR A 498 -17.74 -3.21 4.49
CA TYR A 498 -17.84 -3.81 3.17
C TYR A 498 -17.23 -5.18 3.02
N ILE A 499 -16.25 -5.53 3.85
CA ILE A 499 -15.55 -6.80 3.66
C ILE A 499 -16.51 -7.99 3.73
N ARG A 500 -17.57 -7.82 4.53
CA ARG A 500 -18.71 -8.79 4.60
C ARG A 500 -19.13 -9.28 3.24
N TYR A 501 -19.10 -8.42 2.24
CA TYR A 501 -19.58 -8.79 0.90
C TYR A 501 -18.59 -9.71 0.19
N PHE A 502 -17.30 -9.39 0.26
CA PHE A 502 -16.28 -10.29 -0.25
C PHE A 502 -16.39 -11.67 0.43
N VAL A 503 -16.49 -11.67 1.75
CA VAL A 503 -16.63 -12.88 2.55
C VAL A 503 -17.89 -13.65 2.08
N SER A 504 -18.98 -12.93 1.95
CA SER A 504 -20.27 -13.57 1.49
C SER A 504 -20.15 -14.18 0.13
N PHE A 505 -19.45 -13.55 -0.79
CA PHE A 505 -19.37 -14.07 -2.17
C PHE A 505 -18.59 -15.37 -2.24
N VAL A 506 -17.66 -15.59 -1.31
CA VAL A 506 -16.95 -16.86 -1.20
C VAL A 506 -17.82 -17.85 -0.45
N LEU A 507 -18.32 -17.42 0.69
CA LEU A 507 -19.11 -18.27 1.59
C LEU A 507 -20.36 -18.83 0.91
N GLN A 508 -20.99 -18.03 0.09
CA GLN A 508 -22.29 -18.50 -0.46
C GLN A 508 -22.15 -19.78 -1.30
N PHE A 509 -21.02 -19.94 -1.98
CA PHE A 509 -20.72 -21.16 -2.73
C PHE A 509 -20.43 -22.33 -1.82
N GLN A 510 -19.78 -22.12 -0.67
CA GLN A 510 -19.61 -23.16 0.33
C GLN A 510 -20.96 -23.64 0.86
N PHE A 511 -21.83 -22.68 1.15
CA PHE A 511 -23.18 -22.93 1.62
C PHE A 511 -23.98 -23.70 0.54
N HIS A 512 -23.91 -23.23 -0.68
CA HIS A 512 -24.64 -23.82 -1.82
C HIS A 512 -24.22 -25.27 -2.01
N GLU A 513 -22.92 -25.52 -2.03
CA GLU A 513 -22.43 -26.88 -2.12
C GLU A 513 -22.96 -27.77 -0.99
N ALA A 514 -22.94 -27.26 0.25
CA ALA A 514 -23.41 -28.03 1.40
C ALA A 514 -24.91 -28.34 1.34
N LEU A 515 -25.69 -27.36 0.95
CA LEU A 515 -27.15 -27.50 0.94
C LEU A 515 -27.57 -28.42 -0.20
N CYS A 516 -26.90 -28.27 -1.32
CA CYS A 516 -27.13 -29.13 -2.50
C CYS A 516 -26.85 -30.60 -2.15
N LYS A 517 -25.74 -30.88 -1.47
CA LYS A 517 -25.47 -32.22 -1.01
C LYS A 517 -26.55 -32.75 -0.06
N GLU A 518 -26.93 -31.91 0.92
CA GLU A 518 -27.96 -32.27 1.90
C GLU A 518 -29.29 -32.56 1.19
N ALA A 519 -29.54 -31.84 0.11
CA ALA A 519 -30.75 -31.99 -0.64
C ALA A 519 -30.78 -33.33 -1.41
N GLY A 520 -29.65 -34.04 -1.46
CA GLY A 520 -29.58 -35.28 -2.25
C GLY A 520 -29.26 -35.04 -3.71
N TYR A 521 -28.90 -33.80 -4.07
CA TYR A 521 -28.62 -33.48 -5.46
C TYR A 521 -27.25 -34.06 -5.86
N GLU A 522 -27.19 -34.65 -7.05
CA GLU A 522 -25.99 -35.37 -7.50
C GLU A 522 -25.44 -34.95 -8.87
N GLY A 523 -25.95 -33.87 -9.43
CA GLY A 523 -25.46 -33.35 -10.70
C GLY A 523 -24.48 -32.18 -10.53
N PRO A 524 -24.18 -31.46 -11.61
CA PRO A 524 -23.24 -30.33 -11.59
C PRO A 524 -23.70 -29.28 -10.61
N LEU A 525 -22.76 -28.74 -9.84
CA LEU A 525 -23.11 -27.85 -8.76
C LEU A 525 -23.91 -26.63 -9.24
N HIS A 526 -23.56 -26.13 -10.42
CA HIS A 526 -24.22 -24.96 -10.99
C HIS A 526 -25.63 -25.21 -11.57
N GLN A 527 -26.10 -26.46 -11.56
CA GLN A 527 -27.50 -26.76 -11.93
C GLN A 527 -28.34 -27.21 -10.73
N CYS A 528 -27.77 -27.13 -9.54
CA CYS A 528 -28.50 -27.46 -8.34
C CYS A 528 -29.61 -26.43 -8.08
N ASP A 529 -30.79 -26.91 -7.74
CA ASP A 529 -31.86 -26.09 -7.23
C ASP A 529 -32.37 -26.77 -5.96
N ILE A 530 -32.21 -26.06 -4.82
CA ILE A 530 -32.67 -26.58 -3.53
C ILE A 530 -34.16 -26.35 -3.23
N TYR A 531 -34.89 -25.75 -4.19
CA TYR A 531 -36.33 -25.49 -4.04
C TYR A 531 -37.03 -26.73 -3.54
N ARG A 532 -37.88 -26.56 -2.53
CA ARG A 532 -38.65 -27.64 -1.90
C ARG A 532 -37.85 -28.69 -1.12
N SER A 533 -36.56 -28.46 -0.87
CA SER A 533 -35.80 -29.39 -0.06
C SER A 533 -35.93 -29.01 1.39
N THR A 534 -36.75 -29.74 2.12
CA THR A 534 -36.94 -29.48 3.53
C THR A 534 -35.70 -29.89 4.32
N LYS A 535 -34.91 -30.85 3.81
CA LYS A 535 -33.64 -31.24 4.44
C LYS A 535 -32.60 -30.08 4.32
N ALA A 536 -32.51 -29.49 3.13
CA ALA A 536 -31.65 -28.29 2.96
C ALA A 536 -32.15 -27.17 3.85
N GLY A 537 -33.46 -26.95 3.90
CA GLY A 537 -34.03 -25.96 4.80
C GLY A 537 -33.64 -26.12 6.27
N ALA A 538 -33.66 -27.35 6.77
CA ALA A 538 -33.31 -27.66 8.14
C ALA A 538 -31.85 -27.36 8.42
N LYS A 539 -30.99 -27.64 7.45
CA LYS A 539 -29.55 -27.44 7.67
C LYS A 539 -29.28 -25.93 7.74
N LEU A 540 -29.90 -25.19 6.84
CA LEU A 540 -29.82 -23.74 6.86
C LEU A 540 -30.40 -23.12 8.14
N ARG A 541 -31.51 -23.65 8.62
CA ARG A 541 -32.17 -23.16 9.83
C ARG A 541 -31.28 -23.24 11.05
N LYS A 542 -30.51 -24.33 11.13
CA LYS A 542 -29.53 -24.48 12.21
C LYS A 542 -28.55 -23.29 12.25
N VAL A 543 -28.06 -22.87 11.09
CA VAL A 543 -27.17 -21.72 11.03
C VAL A 543 -27.88 -20.46 11.51
N LEU A 544 -29.07 -20.23 10.97
CA LEU A 544 -29.83 -19.02 11.24
C LEU A 544 -30.18 -18.87 12.70
N ARG A 545 -30.56 -19.96 13.34
CA ARG A 545 -31.04 -19.92 14.69
C ARG A 545 -29.92 -19.67 15.69
N ALA A 546 -28.67 -19.94 15.29
CA ALA A 546 -27.50 -19.73 16.15
C ALA A 546 -27.16 -18.26 16.37
N GLY A 547 -27.55 -17.38 15.46
CA GLY A 547 -27.12 -15.98 15.52
C GLY A 547 -25.60 -15.88 15.70
N SER A 548 -25.16 -15.02 16.62
CA SER A 548 -23.72 -14.89 16.96
C SER A 548 -23.42 -15.54 18.29
N SER A 549 -24.20 -16.53 18.67
CA SER A 549 -24.05 -17.22 19.94
C SER A 549 -22.84 -18.13 20.02
N ARG A 550 -22.32 -18.57 18.87
CA ARG A 550 -21.20 -19.51 18.80
C ARG A 550 -20.18 -19.00 17.78
N PRO A 551 -18.91 -19.43 17.91
CA PRO A 551 -17.88 -19.01 16.95
C PRO A 551 -18.23 -19.40 15.54
N TRP A 552 -18.06 -18.46 14.61
CA TRP A 552 -18.46 -18.69 13.21
C TRP A 552 -17.74 -19.89 12.60
N GLN A 553 -16.50 -20.12 13.00
CA GLN A 553 -15.71 -21.23 12.51
C GLN A 553 -16.38 -22.55 12.84
N GLU A 554 -16.96 -22.62 14.03
CA GLU A 554 -17.69 -23.85 14.48
C GLU A 554 -19.04 -24.04 13.79
N VAL A 555 -19.75 -22.93 13.59
CA VAL A 555 -21.05 -22.95 12.88
C VAL A 555 -20.83 -23.40 11.43
N LEU A 556 -19.78 -22.85 10.81
CA LEU A 556 -19.42 -23.22 9.45
C LEU A 556 -19.02 -24.68 9.39
N LYS A 557 -18.22 -25.15 10.34
CA LYS A 557 -17.81 -26.56 10.35
C LYS A 557 -19.04 -27.47 10.41
N ASP A 558 -19.97 -27.12 11.25
CA ASP A 558 -21.21 -27.93 11.38
C ASP A 558 -22.01 -28.00 10.08
N MET A 559 -22.01 -26.90 9.36
CA MET A 559 -22.75 -26.76 8.15
C MET A 559 -22.10 -27.41 6.95
N VAL A 560 -20.82 -27.11 6.74
CA VAL A 560 -20.15 -27.49 5.48
C VAL A 560 -19.00 -28.45 5.66
N GLY A 561 -18.63 -28.74 6.92
CA GLY A 561 -17.58 -29.70 7.20
C GLY A 561 -16.17 -29.14 7.22
N LEU A 562 -16.03 -27.80 7.15
CA LEU A 562 -14.72 -27.13 7.18
C LEU A 562 -14.84 -25.91 8.07
N ASP A 563 -13.78 -25.54 8.80
CA ASP A 563 -13.89 -24.42 9.75
C ASP A 563 -13.30 -23.11 9.20
N ALA A 564 -13.18 -23.00 7.88
CA ALA A 564 -12.54 -21.83 7.26
C ALA A 564 -13.23 -21.45 5.98
N LEU A 565 -13.09 -20.20 5.59
CA LEU A 565 -13.45 -19.78 4.26
C LEU A 565 -12.59 -20.54 3.27
N ASP A 566 -13.17 -20.96 2.16
CA ASP A 566 -12.47 -21.77 1.17
C ASP A 566 -13.05 -21.39 -0.18
N ALA A 567 -12.15 -21.09 -1.13
CA ALA A 567 -12.55 -20.73 -2.49
C ALA A 567 -12.92 -21.95 -3.36
N GLN A 568 -12.64 -23.16 -2.89
CA GLN A 568 -12.76 -24.32 -3.79
C GLN A 568 -14.21 -24.51 -4.30
N PRO A 569 -15.24 -24.31 -3.44
CA PRO A 569 -16.60 -24.45 -3.99
C PRO A 569 -16.95 -23.47 -5.09
N LEU A 570 -16.56 -22.20 -4.92
CA LEU A 570 -16.70 -21.23 -5.98
C LEU A 570 -15.96 -21.68 -7.23
N LEU A 571 -14.71 -22.14 -7.08
CA LEU A 571 -13.92 -22.57 -8.24
C LEU A 571 -14.59 -23.76 -8.96
N LYS A 572 -15.14 -24.68 -8.18
CA LYS A 572 -15.85 -25.87 -8.76
C LYS A 572 -17.08 -25.44 -9.54
N TYR A 573 -17.84 -24.53 -8.95
CA TYR A 573 -19.04 -24.00 -9.59
C TYR A 573 -18.74 -23.43 -10.96
N PHE A 574 -17.66 -22.61 -11.03
CA PHE A 574 -17.34 -21.92 -12.26
C PHE A 574 -16.40 -22.64 -13.23
N GLN A 575 -15.90 -23.82 -12.85
CA GLN A 575 -14.83 -24.49 -13.57
C GLN A 575 -14.96 -24.50 -15.08
N LEU A 576 -16.15 -24.87 -15.58
CA LEU A 576 -16.34 -24.94 -17.02
C LEU A 576 -16.11 -23.59 -17.73
N VAL A 577 -16.58 -22.49 -17.13
CA VAL A 577 -16.43 -21.20 -17.80
C VAL A 577 -15.03 -20.63 -17.53
N THR A 578 -14.44 -21.00 -16.40
CA THR A 578 -13.04 -20.62 -16.13
C THR A 578 -12.16 -21.17 -17.27
N GLN A 579 -12.33 -22.45 -17.57
CA GLN A 579 -11.54 -23.08 -18.62
C GLN A 579 -11.87 -22.48 -20.00
N TRP A 580 -13.15 -22.23 -20.26
CA TRP A 580 -13.57 -21.70 -21.55
C TRP A 580 -13.01 -20.29 -21.78
N LEU A 581 -13.12 -19.42 -20.77
CA LEU A 581 -12.62 -18.06 -20.93
C LEU A 581 -11.12 -18.04 -21.16
N GLN A 582 -10.41 -18.92 -20.47
CA GLN A 582 -8.96 -18.99 -20.59
C GLN A 582 -8.57 -19.41 -22.01
N GLU A 583 -9.28 -20.42 -22.54
CA GLU A 583 -9.09 -20.86 -23.90
C GLU A 583 -9.42 -19.77 -24.89
N GLN A 584 -10.53 -19.06 -24.67
CA GLN A 584 -10.97 -18.02 -25.60
C GLN A 584 -10.00 -16.87 -25.63
N ASN A 585 -9.58 -16.42 -24.46
CA ASN A 585 -8.60 -15.34 -24.41
C ASN A 585 -7.27 -15.69 -25.10
N GLN A 586 -6.79 -16.92 -24.91
CA GLN A 586 -5.56 -17.39 -25.56
C GLN A 586 -5.73 -17.37 -27.07
N GLN A 587 -6.83 -17.93 -27.54
CA GLN A 587 -7.10 -17.95 -28.98
C GLN A 587 -7.26 -16.56 -29.58
N ASN A 588 -7.80 -15.63 -28.80
CA ASN A 588 -7.98 -14.26 -29.26
C ASN A 588 -6.72 -13.39 -29.10
N GLY A 589 -5.65 -13.95 -28.53
CA GLY A 589 -4.39 -13.23 -28.33
C GLY A 589 -4.49 -12.07 -27.36
N GLU A 590 -5.31 -12.21 -26.32
CA GLU A 590 -5.52 -11.12 -25.36
C GLU A 590 -4.33 -11.00 -24.44
N VAL A 591 -4.10 -9.78 -23.95
CA VAL A 591 -3.21 -9.58 -22.81
C VAL A 591 -4.10 -9.62 -21.55
N LEU A 592 -3.71 -10.46 -20.60
CA LEU A 592 -4.43 -10.55 -19.36
C LEU A 592 -3.90 -9.42 -18.51
N GLY A 593 -4.78 -8.64 -17.92
CA GLY A 593 -4.30 -7.49 -17.15
C GLY A 593 -4.33 -6.21 -17.97
N TRP A 594 -3.74 -5.16 -17.40
CA TRP A 594 -3.83 -3.82 -17.98
C TRP A 594 -2.46 -3.14 -17.83
N PRO A 595 -1.46 -3.61 -18.58
CA PRO A 595 -0.11 -3.08 -18.45
C PRO A 595 0.00 -1.62 -18.84
N GLU A 596 -0.93 -1.09 -19.64
CA GLU A 596 -0.98 0.35 -19.89
C GLU A 596 -1.80 1.02 -18.79
N TYR A 597 -1.22 1.01 -17.59
CA TYR A 597 -1.94 1.38 -16.38
C TYR A 597 -2.24 2.87 -16.30
N GLN A 598 -1.49 3.68 -17.05
CA GLN A 598 -1.70 5.13 -17.10
C GLN A 598 -2.82 5.55 -18.02
N TRP A 599 -3.32 4.64 -18.84
CA TRP A 599 -4.23 5.01 -19.88
C TRP A 599 -5.57 5.48 -19.33
N HIS A 600 -6.06 6.57 -19.91
CA HIS A 600 -7.42 7.06 -19.67
C HIS A 600 -8.04 7.39 -21.03
N PRO A 601 -9.35 7.19 -21.18
CA PRO A 601 -9.97 7.52 -22.48
C PRO A 601 -10.04 9.01 -22.74
N PRO A 602 -10.05 9.42 -24.03
CA PRO A 602 -10.30 10.80 -24.36
C PRO A 602 -11.73 11.19 -24.03
N LEU A 603 -11.99 12.49 -23.97
CA LEU A 603 -13.35 12.98 -23.83
C LEU A 603 -14.07 12.91 -25.17
N PRO A 604 -15.38 12.65 -25.17
CA PRO A 604 -16.15 12.80 -26.43
C PRO A 604 -16.01 14.21 -27.02
N ASP A 605 -16.08 14.33 -28.34
CA ASP A 605 -15.79 15.61 -29.04
C ASP A 605 -16.62 16.79 -28.53
N ASN A 606 -17.92 16.57 -28.36
CA ASN A 606 -18.85 17.65 -28.00
C ASN A 606 -19.22 17.66 -26.51
N TYR A 607 -18.47 16.93 -25.70
CA TYR A 607 -18.81 16.80 -24.29
C TYR A 607 -18.55 18.12 -23.54
N PRO A 608 -19.41 18.54 -22.63
CA PRO A 608 -20.67 17.85 -22.29
C PRO A 608 -21.90 18.36 -23.05
N GLU A 609 -21.73 19.37 -23.93
CA GLU A 609 -22.87 19.96 -24.62
C GLU A 609 -23.60 18.89 -25.46
N GLY A 610 -24.92 18.89 -25.36
CA GLY A 610 -25.75 17.89 -26.02
C GLY A 610 -26.40 17.02 -24.97
N LEU B 1 35.70 -27.19 -2.15
CA LEU B 1 36.32 -26.36 -1.07
C LEU B 1 37.62 -26.96 -0.52
N ASP B 2 38.71 -26.22 -0.66
CA ASP B 2 39.97 -26.56 -0.06
C ASP B 2 39.85 -27.11 1.37
N PRO B 3 40.53 -28.25 1.68
CA PRO B 3 40.57 -28.83 3.03
C PRO B 3 40.94 -27.83 4.15
N GLY B 4 41.86 -26.91 3.87
CA GLY B 4 42.29 -25.90 4.86
C GLY B 4 41.24 -24.85 5.22
N LEU B 5 40.20 -24.74 4.38
CA LEU B 5 39.07 -23.84 4.62
C LEU B 5 37.87 -24.52 5.30
N GLN B 6 37.95 -25.83 5.53
CA GLN B 6 36.82 -26.57 6.07
C GLN B 6 36.85 -26.65 7.58
N PRO B 7 35.67 -26.63 8.23
CA PRO B 7 35.63 -26.54 9.70
C PRO B 7 36.04 -27.83 10.39
N GLY B 8 36.85 -27.70 11.43
CA GLY B 8 37.22 -28.84 12.27
C GLY B 8 36.14 -29.14 13.29
N GLN B 9 36.48 -30.00 14.23
CA GLN B 9 35.58 -30.37 15.32
C GLN B 9 35.83 -29.45 16.50
N PHE B 10 34.75 -29.05 17.12
CA PHE B 10 34.72 -28.16 18.27
C PHE B 10 33.69 -28.71 19.22
N SER B 11 33.89 -28.45 20.52
CA SER B 11 32.93 -28.87 21.53
C SER B 11 31.63 -28.08 21.36
N ALA B 12 30.52 -28.74 21.65
CA ALA B 12 29.19 -28.14 21.54
C ALA B 12 28.85 -27.38 22.84
N ASP B 13 29.62 -26.32 23.12
CA ASP B 13 29.40 -25.49 24.28
C ASP B 13 30.00 -24.12 23.97
N GLU B 14 29.78 -23.16 24.86
CA GLU B 14 30.23 -21.78 24.61
C GLU B 14 31.74 -21.67 24.36
N ALA B 15 32.52 -22.36 25.18
CA ALA B 15 33.97 -22.36 25.05
C ALA B 15 34.44 -22.87 23.67
N GLY B 16 33.85 -23.98 23.22
CA GLY B 16 34.13 -24.52 21.91
C GLY B 16 33.69 -23.59 20.79
N ALA B 17 32.55 -22.91 20.98
CA ALA B 17 32.05 -21.95 19.99
C ALA B 17 32.99 -20.74 19.86
N GLN B 18 33.67 -20.38 20.94
CA GLN B 18 34.65 -19.31 20.85
C GLN B 18 35.82 -19.73 19.93
N LEU B 19 36.25 -20.99 20.06
CA LEU B 19 37.32 -21.51 19.21
C LEU B 19 36.83 -21.59 17.78
N PHE B 20 35.58 -22.03 17.63
CA PHE B 20 34.94 -22.17 16.31
C PHE B 20 34.95 -20.85 15.56
N ALA B 21 34.54 -19.81 16.27
CA ALA B 21 34.46 -18.47 15.68
C ALA B 21 35.85 -17.95 15.29
N GLN B 22 36.87 -18.29 16.06
CA GLN B 22 38.24 -17.86 15.70
C GLN B 22 38.69 -18.59 14.43
N SER B 23 38.42 -19.89 14.38
CA SER B 23 38.80 -20.68 13.22
C SER B 23 38.04 -20.16 11.99
N TYR B 24 36.74 -19.91 12.14
CA TYR B 24 35.88 -19.32 11.07
C TYR B 24 36.46 -18.07 10.45
N GLN B 25 36.89 -17.24 11.30
CA GLN B 25 37.24 -15.88 10.93
C GLN B 25 38.66 -15.85 10.38
N SER B 26 39.49 -16.68 10.87
CA SER B 26 40.73 -17.05 10.21
C SER B 26 40.54 -17.36 8.70
N SER B 27 39.71 -18.33 8.39
CA SER B 27 39.53 -18.76 6.97
C SER B 27 38.62 -17.82 6.15
N ALA B 28 37.68 -17.18 6.83
CA ALA B 28 36.83 -16.20 6.18
C ALA B 28 37.64 -15.07 5.56
N GLU B 29 38.71 -14.58 6.23
CA GLU B 29 39.49 -13.50 5.60
C GLU B 29 40.01 -13.84 4.18
N GLN B 30 40.35 -15.09 3.97
CA GLN B 30 40.92 -15.54 2.72
C GLN B 30 39.87 -15.61 1.63
N VAL B 31 38.70 -16.12 2.03
CA VAL B 31 37.59 -16.31 1.12
C VAL B 31 36.97 -14.96 0.74
N LEU B 32 36.73 -14.12 1.75
CA LEU B 32 36.23 -12.76 1.51
C LEU B 32 37.18 -11.97 0.60
N PHE B 33 38.48 -12.08 0.86
CA PHE B 33 39.45 -11.37 0.04
C PHE B 33 39.36 -11.82 -1.42
N GLN B 34 39.30 -13.11 -1.69
CA GLN B 34 39.31 -13.55 -3.11
C GLN B 34 38.01 -13.09 -3.84
N SER B 35 36.93 -13.05 -3.08
CA SER B 35 35.64 -12.57 -3.58
C SER B 35 35.71 -11.07 -3.89
N VAL B 36 36.22 -10.29 -2.94
CA VAL B 36 36.28 -8.82 -3.15
C VAL B 36 37.24 -8.52 -4.32
N ALA B 37 38.39 -9.18 -4.32
CA ALA B 37 39.36 -9.00 -5.39
C ALA B 37 38.79 -9.26 -6.78
N ALA B 38 38.01 -10.34 -6.91
CA ALA B 38 37.40 -10.67 -8.18
C ALA B 38 36.30 -9.65 -8.58
N SER B 39 35.53 -9.19 -7.60
CA SER B 39 34.53 -8.14 -7.87
C SER B 39 35.23 -6.87 -8.35
N TRP B 40 36.37 -6.54 -7.68
CA TRP B 40 37.10 -5.36 -8.08
C TRP B 40 37.55 -5.47 -9.52
N ALA B 41 38.15 -6.60 -9.88
CA ALA B 41 38.66 -6.79 -11.24
C ALA B 41 37.57 -6.68 -12.32
N HIS B 42 36.36 -7.09 -12.00
CA HIS B 42 35.21 -6.89 -12.89
C HIS B 42 34.71 -5.45 -12.98
N ASP B 43 34.51 -4.83 -11.82
CA ASP B 43 33.86 -3.52 -11.78
C ASP B 43 34.75 -2.39 -12.37
N THR B 44 36.07 -2.63 -12.37
CA THR B 44 37.00 -1.68 -12.97
C THR B 44 37.37 -2.05 -14.39
N ASN B 45 36.68 -3.05 -14.96
CA ASN B 45 37.06 -3.66 -16.23
C ASN B 45 36.01 -4.74 -16.58
N ILE B 46 34.84 -4.26 -17.00
CA ILE B 46 33.70 -5.13 -17.26
C ILE B 46 33.96 -5.94 -18.54
N THR B 47 34.14 -7.26 -18.36
CA THR B 47 34.25 -8.22 -19.48
C THR B 47 33.64 -9.56 -19.09
N ALA B 48 33.36 -10.37 -20.09
CA ALA B 48 32.77 -11.70 -19.88
C ALA B 48 33.67 -12.53 -18.96
N GLU B 49 34.97 -12.47 -19.26
CA GLU B 49 35.96 -13.21 -18.52
C GLU B 49 35.99 -12.80 -17.05
N ASN B 50 36.04 -11.49 -16.81
CA ASN B 50 36.04 -10.97 -15.46
C ASN B 50 34.76 -11.31 -14.70
N ALA B 51 33.66 -11.33 -15.42
CA ALA B 51 32.38 -11.84 -14.88
C ALA B 51 32.44 -13.35 -14.52
N ARG B 52 33.09 -14.11 -15.39
CA ARG B 52 33.28 -15.56 -15.14
C ARG B 52 34.05 -15.76 -13.84
N ARG B 53 35.15 -14.99 -13.69
CA ARG B 53 36.02 -15.16 -12.56
C ARG B 53 35.32 -14.78 -11.29
N GLN B 54 34.54 -13.70 -11.38
CA GLN B 54 33.82 -13.16 -10.24
C GLN B 54 32.73 -14.19 -9.78
N GLU B 55 32.10 -14.83 -10.74
CA GLU B 55 31.16 -15.93 -10.43
C GLU B 55 31.78 -17.20 -9.78
N GLU B 56 33.00 -17.53 -10.21
CA GLU B 56 33.76 -18.63 -9.63
C GLU B 56 34.05 -18.32 -8.17
N ALA B 57 34.42 -17.05 -7.92
CA ALA B 57 34.75 -16.63 -6.58
C ALA B 57 33.53 -16.65 -5.68
N ALA B 58 32.40 -16.20 -6.23
CA ALA B 58 31.11 -16.21 -5.52
C ALA B 58 30.67 -17.63 -5.13
N LEU B 59 30.85 -18.58 -6.05
CA LEU B 59 30.60 -20.04 -5.73
C LEU B 59 31.44 -20.59 -4.59
N LEU B 60 32.71 -20.19 -4.59
CA LEU B 60 33.59 -20.61 -3.55
C LEU B 60 33.15 -20.00 -2.21
N SER B 61 32.69 -18.74 -2.23
CA SER B 61 32.19 -18.07 -1.02
C SER B 61 30.97 -18.82 -0.46
N GLN B 62 30.15 -19.29 -1.38
CA GLN B 62 28.94 -20.04 -1.00
C GLN B 62 29.27 -21.46 -0.46
N GLU B 63 30.19 -22.15 -1.10
CA GLU B 63 30.65 -23.44 -0.55
C GLU B 63 31.16 -23.23 0.90
N PHE B 64 31.93 -22.17 1.09
CA PHE B 64 32.47 -21.82 2.40
C PHE B 64 31.37 -21.50 3.42
N ALA B 65 30.44 -20.62 3.04
CA ALA B 65 29.32 -20.25 3.91
C ALA B 65 28.49 -21.48 4.28
N GLU B 66 28.26 -22.35 3.30
CA GLU B 66 27.52 -23.59 3.57
C GLU B 66 28.20 -24.46 4.63
N ALA B 67 29.48 -24.78 4.39
CA ALA B 67 30.21 -25.68 5.26
C ALA B 67 30.20 -25.13 6.71
N TRP B 68 30.55 -23.84 6.87
CA TRP B 68 30.58 -23.24 8.20
C TRP B 68 29.20 -22.99 8.85
N GLY B 69 28.22 -22.59 8.05
CA GLY B 69 26.83 -22.47 8.53
C GLY B 69 26.26 -23.79 9.01
N GLN B 70 26.46 -24.82 8.21
CA GLN B 70 26.05 -26.19 8.56
C GLN B 70 26.70 -26.67 9.88
N LYS B 71 28.00 -26.46 9.99
CA LYS B 71 28.69 -26.90 11.18
C LYS B 71 28.16 -26.13 12.42
N ALA B 72 27.92 -24.82 12.26
CA ALA B 72 27.40 -23.99 13.36
C ALA B 72 26.04 -24.51 13.84
N LYS B 73 25.19 -24.87 12.89
CA LYS B 73 23.88 -25.40 13.24
C LYS B 73 24.03 -26.78 13.91
N GLU B 74 24.88 -27.63 13.33
CA GLU B 74 25.19 -28.94 13.94
C GLU B 74 25.59 -28.80 15.39
N LEU B 75 26.54 -27.89 15.62
CA LEU B 75 27.14 -27.77 16.95
C LEU B 75 26.31 -26.91 17.91
N TYR B 76 25.76 -25.78 17.43
CA TYR B 76 25.26 -24.74 18.33
C TYR B 76 23.79 -24.36 18.22
N GLU B 77 23.04 -24.92 17.27
CA GLU B 77 21.70 -24.40 16.99
C GLU B 77 20.84 -24.19 18.24
N PRO B 78 20.71 -25.22 19.09
CA PRO B 78 19.80 -25.06 20.23
C PRO B 78 20.40 -24.33 21.45
N ILE B 79 21.69 -23.96 21.41
CA ILE B 79 22.38 -23.38 22.59
C ILE B 79 22.93 -21.96 22.45
N TRP B 80 23.25 -21.52 21.23
CA TRP B 80 24.00 -20.26 21.03
C TRP B 80 23.28 -19.00 21.53
N GLN B 81 21.96 -19.00 21.45
CA GLN B 81 21.16 -17.89 21.94
C GLN B 81 21.25 -17.74 23.46
N GLN B 82 21.66 -18.80 24.15
CA GLN B 82 21.86 -18.77 25.60
C GLN B 82 23.32 -18.51 26.04
N PHE B 83 24.24 -18.28 25.09
CA PHE B 83 25.66 -17.96 25.45
C PHE B 83 25.73 -16.64 26.18
N THR B 84 26.65 -16.54 27.14
CA THR B 84 26.82 -15.34 27.97
C THR B 84 27.58 -14.19 27.26
N ASP B 85 28.41 -14.52 26.28
CA ASP B 85 29.13 -13.51 25.49
C ASP B 85 28.24 -13.00 24.33
N PRO B 86 27.72 -11.75 24.43
CA PRO B 86 26.82 -11.24 23.38
C PRO B 86 27.50 -11.03 22.02
N GLN B 87 28.80 -10.76 22.05
CA GLN B 87 29.59 -10.57 20.83
C GLN B 87 29.69 -11.91 20.07
N LEU B 88 29.89 -12.99 20.83
CA LEU B 88 29.92 -14.34 20.29
C LEU B 88 28.56 -14.74 19.69
N ARG B 89 27.49 -14.46 20.43
CA ARG B 89 26.13 -14.67 19.96
C ARG B 89 25.88 -14.02 18.59
N ARG B 90 26.37 -12.79 18.41
CA ARG B 90 26.23 -12.07 17.13
C ARG B 90 27.03 -12.75 16.01
N ILE B 91 28.25 -13.21 16.30
CA ILE B 91 29.07 -13.90 15.30
C ILE B 91 28.35 -15.21 14.90
N ILE B 92 27.87 -15.99 15.87
CA ILE B 92 27.28 -17.32 15.56
C ILE B 92 25.98 -17.16 14.78
N GLY B 93 25.13 -16.23 15.22
CA GLY B 93 23.91 -15.85 14.49
C GLY B 93 24.19 -15.48 13.03
N ALA B 94 25.30 -14.78 12.80
CA ALA B 94 25.70 -14.38 11.44
C ALA B 94 26.13 -15.59 10.62
N VAL B 95 26.98 -16.44 11.22
CA VAL B 95 27.49 -17.62 10.53
C VAL B 95 26.38 -18.63 10.14
N ARG B 96 25.37 -18.79 11.01
CA ARG B 96 24.26 -19.72 10.75
C ARG B 96 23.23 -19.23 9.73
N THR B 97 23.39 -18.00 9.26
CA THR B 97 22.60 -17.45 8.15
C THR B 97 23.34 -17.68 6.84
N LEU B 98 22.81 -18.56 6.00
CA LEU B 98 23.51 -19.01 4.80
C LEU B 98 23.22 -18.18 3.57
N GLY B 99 22.08 -17.48 3.56
CA GLY B 99 21.68 -16.68 2.41
C GLY B 99 21.68 -17.51 1.15
N SER B 100 22.31 -17.00 0.08
CA SER B 100 22.35 -17.73 -1.20
C SER B 100 23.10 -19.08 -1.16
N ALA B 101 23.84 -19.36 -0.07
CA ALA B 101 24.44 -20.68 0.13
C ALA B 101 23.40 -21.75 0.40
N ASN B 102 22.19 -21.34 0.76
CA ASN B 102 21.06 -22.29 0.93
C ASN B 102 20.63 -22.88 -0.38
N LEU B 103 20.94 -22.19 -1.47
CA LEU B 103 20.53 -22.66 -2.80
C LEU B 103 21.30 -23.87 -3.21
N PRO B 104 20.63 -24.80 -3.94
CA PRO B 104 21.37 -25.86 -4.57
C PRO B 104 22.32 -25.27 -5.59
N LEU B 105 23.26 -26.08 -6.08
CA LEU B 105 24.38 -25.61 -6.90
C LEU B 105 23.95 -24.94 -8.21
N ALA B 106 23.05 -25.58 -8.94
CA ALA B 106 22.59 -24.97 -10.22
C ALA B 106 21.94 -23.60 -10.01
N LYS B 107 21.33 -23.41 -8.84
CA LYS B 107 20.62 -22.15 -8.54
C LYS B 107 21.57 -21.10 -8.02
N ARG B 108 22.61 -21.56 -7.33
CA ARG B 108 23.69 -20.65 -6.92
C ARG B 108 24.32 -20.06 -8.16
N GLN B 109 24.63 -20.92 -9.11
CA GLN B 109 25.17 -20.48 -10.40
C GLN B 109 24.26 -19.49 -11.08
N GLN B 110 22.97 -19.85 -11.22
CA GLN B 110 22.00 -18.98 -11.89
C GLN B 110 21.89 -17.60 -11.21
N TYR B 111 21.86 -17.58 -9.88
CA TYR B 111 21.81 -16.35 -9.06
C TYR B 111 23.05 -15.47 -9.29
N ASN B 112 24.22 -16.09 -9.19
CA ASN B 112 25.49 -15.38 -9.37
C ASN B 112 25.53 -14.75 -10.79
N ALA B 113 25.04 -15.47 -11.79
CA ALA B 113 25.04 -14.98 -13.19
C ALA B 113 24.06 -13.83 -13.45
N LEU B 114 22.92 -13.86 -12.76
CA LEU B 114 21.94 -12.75 -12.90
C LEU B 114 22.58 -11.47 -12.38
N LEU B 115 23.29 -11.61 -11.26
CA LEU B 115 23.95 -10.44 -10.65
C LEU B 115 24.93 -9.81 -11.66
N SER B 116 25.75 -10.65 -12.32
CA SER B 116 26.73 -10.16 -13.31
C SER B 116 26.05 -9.46 -14.48
N GLN B 117 24.98 -10.07 -14.99
CA GLN B 117 24.31 -9.53 -16.16
C GLN B 117 23.52 -8.24 -15.84
N MET B 118 22.91 -8.15 -14.67
CA MET B 118 22.20 -6.91 -14.30
C MET B 118 23.22 -5.77 -14.15
N SER B 119 24.38 -6.09 -13.58
CA SER B 119 25.44 -5.06 -13.39
C SER B 119 25.92 -4.57 -14.74
N ARG B 120 26.17 -5.49 -15.68
CA ARG B 120 26.63 -5.11 -17.02
C ARG B 120 25.63 -4.22 -17.74
N ILE B 121 24.35 -4.59 -17.72
CA ILE B 121 23.35 -3.80 -18.44
C ILE B 121 23.25 -2.38 -17.90
N TYR B 122 23.18 -2.22 -16.59
CA TYR B 122 23.10 -0.88 -15.98
C TYR B 122 24.33 -0.02 -16.36
N SER B 123 25.50 -0.57 -16.14
CA SER B 123 26.75 0.20 -16.20
C SER B 123 27.27 0.36 -17.61
N THR B 124 26.70 -0.39 -18.58
CA THR B 124 27.08 -0.21 -19.97
C THR B 124 25.99 0.39 -20.85
N ALA B 125 24.80 0.64 -20.29
CA ALA B 125 23.69 1.21 -21.06
C ALA B 125 24.08 2.59 -21.61
N LYS B 126 23.68 2.85 -22.86
CA LYS B 126 23.91 4.14 -23.50
C LYS B 126 22.65 4.72 -24.12
N VAL B 127 22.68 6.03 -24.35
CA VAL B 127 21.60 6.75 -25.04
C VAL B 127 22.18 7.30 -26.34
N CYS B 128 21.65 6.83 -27.46
CA CYS B 128 22.15 7.22 -28.77
C CYS B 128 21.26 8.28 -29.42
N LEU B 129 21.91 9.21 -30.13
CA LEU B 129 21.26 10.35 -30.77
C LEU B 129 20.92 10.02 -32.21
N THR B 133 22.76 9.58 -35.79
CA THR B 133 23.37 8.69 -34.80
C THR B 133 24.90 8.79 -34.83
N ALA B 134 25.45 9.71 -34.03
CA ALA B 134 26.89 9.88 -33.86
C ALA B 134 27.38 8.99 -32.69
N THR B 135 28.24 9.50 -31.81
CA THR B 135 28.61 8.78 -30.58
C THR B 135 27.44 8.84 -29.60
N CYS B 136 27.34 7.84 -28.74
CA CYS B 136 26.25 7.74 -27.76
C CYS B 136 26.69 8.24 -26.40
N TRP B 137 25.70 8.60 -25.58
CA TRP B 137 25.94 9.18 -24.27
C TRP B 137 25.90 8.14 -23.16
N SER B 138 26.85 8.22 -22.25
CA SER B 138 26.89 7.40 -21.05
C SER B 138 26.21 8.15 -19.91
N LEU B 139 25.73 7.42 -18.91
CA LEU B 139 25.13 8.03 -17.74
C LEU B 139 26.11 9.00 -17.07
N ASP B 140 27.33 8.51 -16.84
CA ASP B 140 28.39 9.30 -16.15
C ASP B 140 29.56 9.37 -17.13
N PRO B 141 29.93 10.56 -17.65
CA PRO B 141 29.42 11.85 -17.24
C PRO B 141 28.29 12.48 -18.06
N ASP B 142 27.94 11.91 -19.22
CA ASP B 142 27.21 12.68 -20.24
C ASP B 142 25.79 13.05 -19.83
N LEU B 143 24.98 12.04 -19.51
CA LEU B 143 23.61 12.31 -19.10
C LEU B 143 23.50 13.03 -17.75
N THR B 144 24.38 12.67 -16.81
CA THR B 144 24.49 13.38 -15.54
C THR B 144 24.68 14.91 -15.77
N ASN B 145 25.66 15.25 -16.59
CA ASN B 145 25.91 16.66 -16.92
C ASN B 145 24.71 17.33 -17.57
N ILE B 146 24.00 16.61 -18.45
CA ILE B 146 22.82 17.18 -19.09
C ILE B 146 21.73 17.48 -18.06
N LEU B 147 21.41 16.47 -17.22
CA LEU B 147 20.43 16.64 -16.16
C LEU B 147 20.76 17.76 -15.20
N ALA B 148 22.05 17.94 -14.94
CA ALA B 148 22.51 18.97 -13.99
C ALA B 148 22.46 20.37 -14.54
N SER B 149 22.78 20.53 -15.83
CA SER B 149 23.05 21.87 -16.38
C SER B 149 22.11 22.35 -17.48
N SER B 150 21.45 21.44 -18.21
CA SER B 150 20.54 21.87 -19.27
C SER B 150 19.26 22.47 -18.68
N ARG B 151 18.83 23.58 -19.27
CA ARG B 151 17.54 24.18 -18.95
C ARG B 151 16.59 24.11 -20.15
N SER B 152 16.92 23.25 -21.11
CA SER B 152 16.03 22.94 -22.23
C SER B 152 15.13 21.78 -21.83
N TYR B 153 13.84 22.07 -21.68
CA TYR B 153 12.85 21.03 -21.35
C TYR B 153 13.01 19.79 -22.24
N ALA B 154 13.14 20.01 -23.55
CA ALA B 154 13.20 18.90 -24.52
C ALA B 154 14.48 18.08 -24.42
N MET B 155 15.61 18.76 -24.22
CA MET B 155 16.89 18.06 -24.04
C MET B 155 16.89 17.23 -22.76
N LEU B 156 16.41 17.83 -21.67
CA LEU B 156 16.26 17.12 -20.39
C LEU B 156 15.35 15.90 -20.56
N LEU B 157 14.28 16.09 -21.31
CA LEU B 157 13.32 14.99 -21.57
C LEU B 157 13.99 13.85 -22.32
N PHE B 158 14.73 14.19 -23.37
CA PHE B 158 15.39 13.19 -24.19
C PHE B 158 16.40 12.38 -23.39
N ALA B 159 17.14 13.04 -22.50
CA ALA B 159 18.08 12.38 -21.62
C ALA B 159 17.36 11.47 -20.61
N TRP B 160 16.29 11.98 -20.00
CA TRP B 160 15.54 11.24 -18.97
C TRP B 160 14.88 9.98 -19.56
N GLU B 161 14.14 10.20 -20.64
CA GLU B 161 13.46 9.08 -21.35
C GLU B 161 14.49 8.09 -21.89
N GLY B 162 15.53 8.59 -22.55
CA GLY B 162 16.58 7.76 -23.10
C GLY B 162 17.16 6.81 -22.07
N TRP B 163 17.59 7.39 -20.94
CA TRP B 163 18.20 6.62 -19.90
C TRP B 163 17.23 5.56 -19.34
N HIS B 164 16.03 5.98 -18.97
CA HIS B 164 15.09 5.07 -18.31
C HIS B 164 14.73 3.92 -19.24
N ASN B 165 14.54 4.24 -20.51
CA ASN B 165 14.31 3.17 -21.51
C ASN B 165 15.51 2.21 -21.70
N ALA B 166 16.73 2.77 -21.77
CA ALA B 166 17.90 1.97 -22.10
C ALA B 166 18.30 1.01 -20.98
N ALA B 167 18.20 1.46 -19.75
CA ALA B 167 18.62 0.69 -18.60
C ALA B 167 17.50 -0.23 -18.12
N GLY B 168 16.30 0.32 -17.99
CA GLY B 168 15.21 -0.35 -17.25
C GLY B 168 14.59 -1.48 -18.03
N ILE B 169 14.30 -1.23 -19.29
CA ILE B 169 13.56 -2.23 -20.12
C ILE B 169 14.23 -3.62 -20.14
N PRO B 170 15.52 -3.71 -20.54
CA PRO B 170 16.20 -5.01 -20.55
C PRO B 170 16.43 -5.66 -19.19
N LEU B 171 16.40 -4.86 -18.12
CA LEU B 171 16.61 -5.39 -16.82
C LEU B 171 15.44 -6.17 -16.28
N LYS B 172 14.23 -5.87 -16.71
CA LYS B 172 13.03 -6.40 -16.02
C LYS B 172 12.97 -7.93 -15.94
N PRO B 173 13.22 -8.62 -17.05
CA PRO B 173 13.10 -10.09 -16.97
C PRO B 173 14.14 -10.71 -16.03
N LEU B 174 15.32 -10.08 -15.97
CA LEU B 174 16.37 -10.55 -15.07
C LEU B 174 16.03 -10.30 -13.62
N TYR B 175 15.44 -9.12 -13.36
CA TYR B 175 15.11 -8.72 -12.01
C TYR B 175 14.02 -9.64 -11.42
N GLU B 176 13.09 -10.08 -12.25
CA GLU B 176 12.08 -11.02 -11.79
C GLU B 176 12.71 -12.36 -11.32
N ASP B 177 13.64 -12.86 -12.11
CA ASP B 177 14.35 -14.10 -11.79
C ASP B 177 15.19 -13.98 -10.56
N PHE B 178 15.90 -12.84 -10.47
CA PHE B 178 16.69 -12.57 -9.28
C PHE B 178 15.82 -12.59 -8.02
N THR B 179 14.69 -11.87 -8.07
CA THR B 179 13.80 -11.75 -6.92
C THR B 179 13.35 -13.14 -6.43
N ALA B 180 12.97 -13.98 -7.37
CA ALA B 180 12.52 -15.31 -7.04
C ALA B 180 13.62 -16.16 -6.33
N LEU B 181 14.85 -16.13 -6.84
CA LEU B 181 16.00 -16.88 -6.20
C LEU B 181 16.43 -16.35 -4.86
N SER B 182 16.48 -15.02 -4.76
CA SER B 182 16.82 -14.41 -3.50
C SER B 182 15.87 -14.84 -2.39
N ASN B 183 14.56 -14.77 -2.65
CA ASN B 183 13.56 -15.16 -1.64
C ASN B 183 13.70 -16.65 -1.27
N GLU B 184 13.93 -17.48 -2.26
CA GLU B 184 14.09 -18.93 -2.02
C GLU B 184 15.28 -19.21 -1.05
N ALA B 185 16.37 -18.46 -1.23
CA ALA B 185 17.55 -18.60 -0.40
C ALA B 185 17.23 -18.21 1.04
N TYR B 186 16.65 -17.02 1.24
CA TYR B 186 16.50 -16.49 2.60
C TYR B 186 15.35 -17.12 3.37
N LYS B 187 14.39 -17.66 2.66
CA LYS B 187 13.33 -18.45 3.30
C LYS B 187 13.90 -19.61 4.13
N GLN B 188 14.97 -20.20 3.64
CA GLN B 188 15.63 -21.31 4.32
C GLN B 188 16.43 -20.86 5.55
N ASP B 189 16.67 -19.55 5.69
CA ASP B 189 17.19 -19.04 6.98
C ASP B 189 16.10 -18.66 7.96
N GLY B 190 14.83 -18.85 7.57
CA GLY B 190 13.69 -18.56 8.46
C GLY B 190 13.02 -17.22 8.22
N PHE B 191 13.45 -16.49 7.18
CA PHE B 191 12.85 -15.22 6.83
C PHE B 191 11.70 -15.37 5.84
N THR B 192 10.65 -14.57 6.03
CA THR B 192 9.47 -14.63 5.13
C THR B 192 9.89 -14.26 3.70
N ASP B 193 10.81 -13.29 3.57
CA ASP B 193 11.32 -12.93 2.27
C ASP B 193 12.64 -12.17 2.46
N THR B 194 13.32 -11.92 1.36
CA THR B 194 14.60 -11.20 1.41
C THR B 194 14.53 -9.85 2.10
N GLY B 195 13.44 -9.11 1.88
CA GLY B 195 13.32 -7.80 2.50
C GLY B 195 13.32 -7.92 4.02
N ALA B 196 12.71 -9.00 4.55
CA ALA B 196 12.66 -9.23 5.98
C ALA B 196 14.06 -9.43 6.55
N TYR B 197 14.88 -10.11 5.79
CA TYR B 197 16.29 -10.27 6.16
C TYR B 197 17.02 -8.89 6.19
N TRP B 198 16.82 -8.12 5.13
CA TRP B 198 17.45 -6.78 5.04
C TRP B 198 17.08 -5.93 6.23
N ARG B 199 15.79 -5.97 6.61
CA ARG B 199 15.32 -5.18 7.75
C ARG B 199 15.87 -5.66 9.09
N SER B 200 16.15 -6.96 9.20
CA SER B 200 16.67 -7.55 10.45
C SER B 200 18.00 -6.94 10.90
N TRP B 201 18.73 -6.34 9.96
CA TRP B 201 20.01 -5.66 10.31
C TRP B 201 19.86 -4.53 11.30
N TYR B 202 18.67 -3.93 11.38
CA TYR B 202 18.44 -2.82 12.31
C TYR B 202 17.97 -3.29 13.69
N ASN B 203 17.71 -4.59 13.84
CA ASN B 203 17.38 -5.20 15.13
C ASN B 203 16.37 -4.39 15.93
N SER B 204 15.26 -4.07 15.26
CA SER B 204 14.25 -3.21 15.82
C SER B 204 12.91 -3.81 15.44
N PRO B 205 12.16 -4.34 16.43
CA PRO B 205 10.85 -4.92 16.09
C PRO B 205 9.86 -3.91 15.52
N THR B 206 10.14 -2.63 15.71
CA THR B 206 9.26 -1.55 15.31
C THR B 206 9.88 -0.70 14.16
N PHE B 207 10.75 -1.31 13.37
CA PHE B 207 11.57 -0.58 12.39
C PHE B 207 10.70 0.21 11.40
N GLU B 208 9.76 -0.47 10.75
CA GLU B 208 8.88 0.18 9.78
C GLU B 208 8.01 1.29 10.38
N ASP B 209 7.38 1.03 11.53
CA ASP B 209 6.71 2.10 12.30
C ASP B 209 7.62 3.28 12.64
N ASP B 210 8.85 2.99 13.11
CA ASP B 210 9.83 4.04 13.47
C ASP B 210 10.20 4.94 12.29
N LEU B 211 10.48 4.31 11.16
CA LEU B 211 10.71 5.02 9.90
C LEU B 211 9.52 5.90 9.50
N GLU B 212 8.31 5.31 9.49
CA GLU B 212 7.08 6.05 9.16
C GLU B 212 6.87 7.27 10.06
N HIS B 213 7.16 7.11 11.35
CA HIS B 213 7.03 8.22 12.30
C HIS B 213 8.06 9.33 12.02
N LEU B 214 9.27 8.95 11.67
CA LEU B 214 10.31 9.93 11.27
C LEU B 214 9.87 10.66 10.03
N TYR B 215 9.35 9.93 9.03
CA TYR B 215 8.92 10.60 7.81
C TYR B 215 7.75 11.60 8.03
N GLN B 216 6.84 11.29 8.96
CA GLN B 216 5.74 12.18 9.33
C GLN B 216 6.24 13.56 9.81
N GLN B 217 7.36 13.56 10.55
CA GLN B 217 7.93 14.82 11.07
C GLN B 217 8.71 15.59 10.02
N LEU B 218 9.29 14.85 9.08
CA LEU B 218 10.07 15.43 7.99
C LEU B 218 9.23 15.92 6.81
N GLU B 219 8.05 15.30 6.59
CA GLU B 219 7.26 15.64 5.41
C GLU B 219 6.92 17.11 5.19
N PRO B 220 6.51 17.83 6.26
CA PRO B 220 6.18 19.26 6.06
C PRO B 220 7.35 20.04 5.48
N LEU B 221 8.58 19.67 5.89
CA LEU B 221 9.76 20.35 5.34
C LEU B 221 9.87 20.07 3.84
N TYR B 222 9.69 18.81 3.45
CA TYR B 222 9.73 18.50 2.03
C TYR B 222 8.60 19.21 1.27
N LEU B 223 7.37 19.16 1.78
CA LEU B 223 6.25 19.81 1.09
C LEU B 223 6.51 21.28 0.80
N ASN B 224 7.10 22.01 1.75
CA ASN B 224 7.39 23.42 1.53
C ASN B 224 8.51 23.65 0.54
N LEU B 225 9.56 22.82 0.63
CA LEU B 225 10.65 22.91 -0.31
C LEU B 225 10.13 22.64 -1.71
N HIS B 226 9.30 21.58 -1.83
CA HIS B 226 8.71 21.21 -3.09
C HIS B 226 7.88 22.34 -3.72
N ALA B 227 7.01 22.96 -2.95
CA ALA B 227 6.13 24.02 -3.47
C ALA B 227 6.96 25.23 -3.91
N PHE B 228 7.98 25.53 -3.14
CA PHE B 228 8.90 26.67 -3.46
C PHE B 228 9.63 26.41 -4.78
N VAL B 229 10.18 25.20 -4.93
CA VAL B 229 10.90 24.84 -6.13
C VAL B 229 9.94 24.77 -7.31
N ARG B 230 8.77 24.17 -7.10
CA ARG B 230 7.76 24.13 -8.17
C ARG B 230 7.45 25.52 -8.74
N ARG B 231 7.33 26.50 -7.86
CA ARG B 231 7.08 27.87 -8.28
C ARG B 231 8.19 28.42 -9.18
N ALA B 232 9.45 28.12 -8.82
CA ALA B 232 10.59 28.56 -9.63
C ALA B 232 10.58 27.93 -11.00
N LEU B 233 10.28 26.62 -11.04
CA LEU B 233 10.22 25.91 -12.31
C LEU B 233 9.08 26.43 -13.20
N HIS B 234 7.97 26.82 -12.57
CA HIS B 234 6.85 27.41 -13.29
C HIS B 234 7.27 28.68 -14.02
N ARG B 235 8.00 29.53 -13.31
CA ARG B 235 8.54 30.74 -13.92
C ARG B 235 9.49 30.46 -15.09
N ARG B 236 10.30 29.42 -15.01
CA ARG B 236 11.24 29.08 -16.09
C ARG B 236 10.57 28.45 -17.31
N TYR B 237 9.68 27.48 -17.05
CA TYR B 237 9.17 26.57 -18.09
C TYR B 237 7.76 26.86 -18.63
N GLY B 238 6.93 27.53 -17.83
CA GLY B 238 5.60 27.96 -18.27
C GLY B 238 4.50 27.06 -17.75
N ASP B 239 3.26 27.53 -17.89
CA ASP B 239 2.07 26.79 -17.42
C ASP B 239 1.84 25.49 -18.17
N ARG B 240 2.34 25.45 -19.40
CA ARG B 240 2.29 24.25 -20.23
C ARG B 240 2.95 23.07 -19.52
N TYR B 241 4.12 23.31 -18.95
CA TYR B 241 4.95 22.23 -18.44
C TYR B 241 4.98 22.07 -16.92
N ILE B 242 4.42 23.02 -16.18
CA ILE B 242 4.41 22.97 -14.71
C ILE B 242 3.00 23.27 -14.25
N ASN B 243 2.45 22.38 -13.42
CA ASN B 243 1.16 22.58 -12.80
C ASN B 243 1.38 22.95 -11.34
N LEU B 244 0.98 24.16 -10.96
CA LEU B 244 1.20 24.64 -9.60
C LEU B 244 0.43 23.85 -8.54
N ARG B 245 -0.48 22.96 -8.93
CA ARG B 245 -1.18 22.13 -7.96
C ARG B 245 -0.96 20.67 -8.25
N GLY B 246 0.04 20.36 -9.06
CA GLY B 246 0.31 18.98 -9.48
C GLY B 246 1.74 18.54 -9.25
N PRO B 247 2.05 17.27 -9.53
CA PRO B 247 3.42 16.81 -9.37
C PRO B 247 4.40 17.48 -10.34
N ILE B 248 5.67 17.59 -9.94
CA ILE B 248 6.70 18.19 -10.79
C ILE B 248 7.19 17.14 -11.78
N PRO B 249 7.31 17.48 -13.08
CA PRO B 249 7.91 16.54 -14.02
C PRO B 249 9.27 16.06 -13.56
N ALA B 250 9.49 14.74 -13.60
CA ALA B 250 10.62 14.09 -12.92
C ALA B 250 12.04 14.40 -13.44
N HIS B 251 12.11 15.13 -14.55
CA HIS B 251 13.36 15.44 -15.23
C HIS B 251 13.90 16.85 -15.00
N LEU B 252 13.22 17.64 -14.17
CA LEU B 252 13.50 19.10 -14.11
C LEU B 252 14.26 19.54 -12.86
N LEU B 253 14.70 18.59 -12.06
CA LEU B 253 15.20 18.87 -10.71
C LEU B 253 16.73 18.68 -10.57
N GLY B 254 17.44 18.52 -11.69
CA GLY B 254 18.91 18.58 -11.73
C GLY B 254 19.60 17.23 -11.65
N ASP B 255 18.80 16.15 -11.54
CA ASP B 255 19.31 14.85 -11.21
C ASP B 255 18.42 13.81 -11.90
N MET B 256 19.07 12.78 -12.42
CA MET B 256 18.31 11.73 -13.19
C MET B 256 17.16 11.14 -12.43
N TRP B 257 17.28 11.01 -11.10
CA TRP B 257 16.28 10.40 -10.23
C TRP B 257 15.51 11.43 -9.43
N ALA B 258 15.78 12.72 -9.67
CA ALA B 258 15.18 13.80 -8.90
C ALA B 258 15.41 13.61 -7.40
N GLN B 259 16.52 12.99 -7.07
CA GLN B 259 16.76 12.58 -5.71
C GLN B 259 17.50 13.65 -4.86
N SER B 260 18.17 14.58 -5.53
CA SER B 260 18.92 15.70 -4.91
C SER B 260 18.75 16.83 -5.90
N TRP B 261 18.44 18.01 -5.39
CA TRP B 261 18.04 19.11 -6.22
C TRP B 261 19.08 20.23 -6.23
N GLU B 262 20.28 19.95 -5.73
CA GLU B 262 21.30 21.02 -5.66
C GLU B 262 21.66 21.65 -7.02
N ASN B 263 21.49 20.91 -8.12
CA ASN B 263 21.88 21.43 -9.42
C ASN B 263 21.00 22.52 -9.98
N ILE B 264 19.82 22.72 -9.39
CA ILE B 264 18.95 23.83 -9.77
C ILE B 264 18.97 24.93 -8.73
N TYR B 265 19.95 24.88 -7.81
CA TYR B 265 20.16 26.01 -6.88
C TYR B 265 20.20 27.38 -7.56
N ASP B 266 20.84 27.49 -8.72
CA ASP B 266 20.93 28.80 -9.46
C ASP B 266 19.57 29.36 -9.96
N MET B 267 18.63 28.43 -10.21
CA MET B 267 17.28 28.78 -10.59
C MET B 267 16.47 29.26 -9.40
N VAL B 268 16.76 28.74 -8.20
CA VAL B 268 15.88 28.99 -7.06
C VAL B 268 16.51 29.81 -5.96
N VAL B 269 17.81 30.14 -6.11
CA VAL B 269 18.52 30.99 -5.18
C VAL B 269 17.79 32.34 -5.20
N PRO B 270 17.21 32.73 -4.06
CA PRO B 270 16.49 34.03 -4.00
C PRO B 270 17.41 35.29 -4.20
N PHE B 271 18.66 35.14 -3.84
CA PHE B 271 19.53 36.28 -3.77
C PHE B 271 20.79 36.06 -4.62
N PRO B 272 20.66 36.13 -5.96
CA PRO B 272 21.81 35.79 -6.85
C PRO B 272 22.90 36.84 -6.90
N ASP B 273 22.60 38.04 -6.39
CA ASP B 273 23.59 39.10 -6.14
C ASP B 273 24.66 38.73 -5.10
N LYS B 274 24.31 37.83 -4.18
CA LYS B 274 25.20 37.43 -3.07
C LYS B 274 26.18 36.37 -3.56
N PRO B 275 27.27 36.11 -2.81
CA PRO B 275 28.34 35.24 -3.31
C PRO B 275 27.80 33.88 -3.71
N ASN B 276 28.38 33.29 -4.75
CA ASN B 276 27.86 32.02 -5.26
C ASN B 276 28.31 30.90 -4.32
N LEU B 277 27.36 30.27 -3.62
CA LEU B 277 27.72 29.23 -2.65
C LEU B 277 28.02 27.90 -3.33
N ASP B 278 27.73 27.77 -4.63
CA ASP B 278 28.20 26.65 -5.43
C ASP B 278 29.60 27.02 -5.92
N VAL B 279 30.60 26.41 -5.29
CA VAL B 279 32.01 26.70 -5.58
C VAL B 279 32.59 25.92 -6.78
N THR B 280 31.75 25.20 -7.52
CA THR B 280 32.22 24.47 -8.68
C THR B 280 33.05 25.30 -9.63
N SER B 281 32.54 26.48 -10.02
CA SER B 281 33.26 27.32 -11.01
C SER B 281 34.63 27.78 -10.49
N THR B 282 34.70 28.04 -9.19
CA THR B 282 35.99 28.37 -8.55
C THR B 282 36.93 27.13 -8.52
N MET B 283 36.38 25.93 -8.26
CA MET B 283 37.19 24.71 -8.36
C MET B 283 37.79 24.53 -9.75
N LEU B 284 36.98 24.82 -10.77
CA LEU B 284 37.42 24.76 -12.14
C LEU B 284 38.40 25.88 -12.45
N GLN B 285 38.04 27.11 -12.10
CA GLN B 285 38.93 28.28 -12.30
C GLN B 285 40.31 28.00 -11.69
N GLN B 286 40.32 27.46 -10.47
CA GLN B 286 41.56 27.11 -9.76
C GLN B 286 42.26 25.84 -10.20
N GLY B 287 41.66 25.05 -11.09
CA GLY B 287 42.34 23.86 -11.59
C GLY B 287 42.35 22.66 -10.65
N TRP B 288 41.32 22.49 -9.84
CA TRP B 288 41.19 21.27 -9.03
C TRP B 288 41.04 20.02 -9.92
N GLN B 289 41.60 18.90 -9.44
CA GLN B 289 41.50 17.59 -10.07
C GLN B 289 41.13 16.57 -9.01
N ALA B 290 40.84 15.35 -9.44
CA ALA B 290 40.43 14.31 -8.53
C ALA B 290 41.44 14.11 -7.41
N THR B 291 42.72 14.10 -7.74
CA THR B 291 43.80 13.97 -6.74
C THR B 291 43.66 15.01 -5.63
N HIS B 292 43.47 16.27 -6.00
CA HIS B 292 43.36 17.37 -5.01
C HIS B 292 42.15 17.11 -4.11
N MET B 293 41.04 16.66 -4.72
CA MET B 293 39.82 16.47 -3.97
C MET B 293 39.98 15.39 -2.92
N PHE B 294 40.62 14.28 -3.30
CA PHE B 294 40.86 13.19 -2.34
C PHE B 294 41.87 13.60 -1.24
N ARG B 295 42.88 14.35 -1.61
CA ARG B 295 43.87 14.83 -0.59
C ARG B 295 43.26 15.82 0.41
N VAL B 296 42.35 16.66 -0.08
CA VAL B 296 41.65 17.61 0.76
C VAL B 296 40.71 16.90 1.74
N ALA B 297 39.93 15.94 1.24
CA ALA B 297 39.13 15.13 2.12
C ALA B 297 39.96 14.40 3.18
N GLU B 298 41.03 13.74 2.74
CA GLU B 298 41.93 13.05 3.64
C GLU B 298 42.43 13.97 4.76
N GLU B 299 42.83 15.18 4.39
CA GLU B 299 43.36 16.12 5.38
C GLU B 299 42.31 16.49 6.45
N PHE B 300 41.03 16.54 6.08
CA PHE B 300 39.99 16.73 7.09
C PHE B 300 39.99 15.57 8.10
N PHE B 301 40.02 14.34 7.61
CA PHE B 301 40.09 13.18 8.50
C PHE B 301 41.32 13.24 9.42
N THR B 302 42.49 13.58 8.88
CA THR B 302 43.73 13.63 9.68
C THR B 302 43.71 14.80 10.64
N SER B 303 42.92 15.85 10.33
CA SER B 303 42.78 17.00 11.27
C SER B 303 42.05 16.61 12.56
N LEU B 304 41.22 15.59 12.45
CA LEU B 304 40.53 14.98 13.58
C LEU B 304 41.35 13.87 14.26
N GLU B 305 42.61 13.70 13.85
CA GLU B 305 43.45 12.58 14.28
C GLU B 305 42.80 11.23 13.97
N LEU B 306 42.11 11.18 12.85
CA LEU B 306 41.71 9.90 12.29
C LEU B 306 42.81 9.55 11.28
N SER B 307 42.71 8.37 10.70
CA SER B 307 43.80 7.81 9.92
C SER B 307 43.89 8.38 8.53
N PRO B 308 45.13 8.55 8.03
CA PRO B 308 45.28 8.91 6.63
C PRO B 308 45.00 7.69 5.75
N MET B 309 44.90 7.93 4.46
CA MET B 309 44.69 6.80 3.51
C MET B 309 46.05 6.12 3.33
N PRO B 310 46.09 4.77 3.43
CA PRO B 310 47.40 4.09 3.33
C PRO B 310 47.89 4.03 1.88
N PRO B 311 49.18 3.69 1.69
CA PRO B 311 49.75 3.62 0.35
C PRO B 311 48.93 2.71 -0.61
N GLU B 312 48.43 1.61 -0.08
CA GLU B 312 47.67 0.64 -0.87
C GLU B 312 46.38 1.27 -1.44
N PHE B 313 45.83 2.23 -0.70
CA PHE B 313 44.68 3.02 -1.20
C PHE B 313 45.06 3.85 -2.43
N TRP B 314 46.15 4.65 -2.34
CA TRP B 314 46.56 5.47 -3.47
C TRP B 314 47.01 4.65 -4.65
N GLU B 315 47.68 3.54 -4.39
CA GLU B 315 48.21 2.73 -5.49
C GLU B 315 47.11 1.92 -6.15
N GLY B 316 46.09 1.55 -5.37
CA GLY B 316 45.01 0.61 -5.88
C GLY B 316 43.69 1.21 -6.34
N SER B 317 43.38 2.40 -5.88
CA SER B 317 42.08 3.02 -6.14
C SER B 317 41.94 3.46 -7.58
N MET B 318 40.69 3.54 -8.05
CA MET B 318 40.35 4.10 -9.35
C MET B 318 39.62 5.41 -9.08
N LEU B 319 40.34 6.53 -9.23
CA LEU B 319 39.81 7.84 -8.86
C LEU B 319 39.33 8.69 -10.01
N GLU B 320 39.50 8.22 -11.24
CA GLU B 320 38.95 8.86 -12.40
C GLU B 320 38.45 7.78 -13.36
N LYS B 321 37.53 8.16 -14.24
CA LYS B 321 37.02 7.24 -15.26
C LYS B 321 38.17 6.91 -16.23
N PRO B 322 38.48 5.62 -16.46
CA PRO B 322 39.61 5.29 -17.35
C PRO B 322 39.46 5.90 -18.76
N ALA B 323 40.56 6.42 -19.28
CA ALA B 323 40.56 7.09 -20.60
C ALA B 323 40.74 6.12 -21.77
N ASP B 324 41.11 4.87 -21.46
CA ASP B 324 41.15 3.81 -22.47
C ASP B 324 39.73 3.32 -22.76
N GLY B 325 39.59 2.38 -23.68
CA GLY B 325 38.27 1.81 -24.00
C GLY B 325 37.44 1.30 -22.82
N ARG B 326 38.11 0.77 -21.80
CA ARG B 326 37.49 0.09 -20.66
C ARG B 326 36.11 0.55 -20.22
N GLU B 327 35.22 -0.41 -20.12
CA GLU B 327 33.93 -0.20 -19.55
C GLU B 327 34.09 -0.44 -18.07
N VAL B 328 33.49 0.43 -17.25
CA VAL B 328 33.58 0.33 -15.79
C VAL B 328 32.23 0.60 -15.16
N VAL B 329 32.08 0.17 -13.90
CA VAL B 329 30.97 0.58 -13.07
C VAL B 329 31.36 1.93 -12.51
N CYS B 330 30.73 2.98 -13.02
CA CYS B 330 31.11 4.33 -12.58
C CYS B 330 30.53 4.72 -11.24
N HIS B 331 29.42 4.12 -10.83
CA HIS B 331 28.77 4.50 -9.58
C HIS B 331 29.76 4.44 -8.41
N ALA B 332 29.90 5.53 -7.68
CA ALA B 332 30.97 5.62 -6.67
C ALA B 332 30.78 4.57 -5.59
N SER B 333 31.89 3.94 -5.17
CA SER B 333 31.86 2.95 -4.10
C SER B 333 33.21 2.81 -3.41
N ALA B 334 33.12 2.32 -2.17
CA ALA B 334 34.27 2.11 -1.27
C ALA B 334 34.38 0.64 -0.89
N TRP B 335 35.63 0.15 -0.89
CA TRP B 335 35.91 -1.29 -0.87
C TRP B 335 36.83 -1.69 0.27
N ASP B 336 36.38 -2.68 1.03
CA ASP B 336 37.14 -3.39 2.05
C ASP B 336 37.48 -4.79 1.53
N PHE B 337 38.78 -5.11 1.47
CA PHE B 337 39.21 -6.42 0.96
C PHE B 337 39.29 -7.48 2.05
N TYR B 338 39.00 -7.09 3.30
CA TYR B 338 39.00 -8.01 4.46
C TYR B 338 40.37 -8.65 4.78
N ASN B 339 41.46 -8.07 4.28
CA ASN B 339 42.82 -8.52 4.62
C ASN B 339 43.54 -7.51 5.55
N ARG B 340 42.82 -6.50 6.05
CA ARG B 340 43.39 -5.48 6.94
C ARG B 340 44.47 -4.57 6.30
N LYS B 341 44.65 -4.66 4.98
CA LYS B 341 45.70 -3.94 4.24
C LYS B 341 45.12 -3.14 3.05
N ASP B 342 44.42 -3.83 2.15
CA ASP B 342 43.85 -3.20 0.96
C ASP B 342 42.45 -2.60 1.17
N PHE B 343 42.34 -1.32 0.83
CA PHE B 343 41.12 -0.54 0.94
C PHE B 343 41.12 0.42 -0.24
N ARG B 344 40.00 0.52 -0.97
CA ARG B 344 39.99 1.33 -2.20
C ARG B 344 38.69 2.05 -2.47
N ILE B 345 38.78 3.14 -3.23
CA ILE B 345 37.60 3.80 -3.79
C ILE B 345 37.62 3.64 -5.30
N LYS B 346 36.42 3.39 -5.84
CA LYS B 346 36.19 3.40 -7.25
C LYS B 346 35.18 4.49 -7.56
N GLN B 347 35.67 5.62 -8.06
CA GLN B 347 34.83 6.76 -8.40
C GLN B 347 35.26 7.38 -9.72
N CYS B 348 34.29 7.67 -10.61
CA CYS B 348 34.55 8.40 -11.84
C CYS B 348 34.49 9.88 -11.54
N THR B 349 35.51 10.35 -10.83
CA THR B 349 35.41 11.67 -10.21
C THR B 349 35.37 12.79 -11.22
N ARG B 350 34.42 13.70 -11.03
CA ARG B 350 34.32 14.94 -11.76
C ARG B 350 34.60 16.10 -10.80
N VAL B 351 35.03 17.22 -11.35
CA VAL B 351 35.41 18.41 -10.55
C VAL B 351 34.18 19.31 -10.33
N THR B 352 33.44 19.00 -9.27
CA THR B 352 32.27 19.79 -8.87
C THR B 352 32.19 19.77 -7.37
N MET B 353 31.41 20.70 -6.82
CA MET B 353 31.22 20.78 -5.39
C MET B 353 30.48 19.55 -4.88
N ASP B 354 29.45 19.12 -5.59
CA ASP B 354 28.79 17.90 -5.12
C ASP B 354 29.69 16.65 -5.14
N GLN B 355 30.57 16.54 -6.13
CA GLN B 355 31.52 15.46 -6.17
C GLN B 355 32.54 15.52 -5.05
N LEU B 356 32.90 16.74 -4.59
CA LEU B 356 33.73 16.84 -3.41
C LEU B 356 33.02 16.23 -2.21
N SER B 357 31.70 16.46 -2.09
CA SER B 357 30.94 15.81 -1.03
C SER B 357 30.92 14.29 -1.21
N THR B 358 30.81 13.81 -2.43
CA THR B 358 30.85 12.35 -2.69
C THR B 358 32.19 11.74 -2.30
N VAL B 359 33.28 12.46 -2.58
CA VAL B 359 34.60 12.00 -2.17
C VAL B 359 34.65 11.81 -0.65
N HIS B 360 34.14 12.80 0.11
CA HIS B 360 34.02 12.65 1.56
C HIS B 360 33.16 11.45 1.96
N HIS B 361 32.01 11.30 1.28
CA HIS B 361 31.14 10.14 1.56
C HIS B 361 31.89 8.81 1.45
N GLU B 362 32.57 8.61 0.32
CA GLU B 362 33.30 7.37 0.10
C GLU B 362 34.47 7.19 1.06
N MET B 363 35.18 8.30 1.32
CA MET B 363 36.29 8.20 2.25
C MET B 363 35.84 7.90 3.68
N GLY B 364 34.61 8.28 4.02
CA GLY B 364 34.03 7.92 5.29
C GLY B 364 33.86 6.41 5.44
N HIS B 365 33.47 5.74 4.35
CA HIS B 365 33.46 4.27 4.32
C HIS B 365 34.85 3.70 4.62
N ILE B 366 35.86 4.23 3.91
CA ILE B 366 37.23 3.77 4.05
C ILE B 366 37.69 3.97 5.48
N GLN B 367 37.40 5.15 6.07
CA GLN B 367 37.84 5.41 7.45
C GLN B 367 37.22 4.39 8.42
N TYR B 368 35.94 4.04 8.19
CA TYR B 368 35.30 3.02 9.00
C TYR B 368 36.10 1.71 8.94
N TYR B 369 36.45 1.32 7.71
CA TYR B 369 37.19 0.09 7.45
C TYR B 369 38.53 0.09 8.18
N LEU B 370 39.26 1.20 8.11
CA LEU B 370 40.54 1.31 8.77
C LEU B 370 40.44 1.18 10.29
N GLN B 371 39.36 1.70 10.87
CA GLN B 371 39.20 1.74 12.33
C GLN B 371 38.80 0.40 12.91
N TYR B 372 38.00 -0.38 12.19
CA TYR B 372 37.54 -1.67 12.70
C TYR B 372 38.24 -2.90 12.07
N LYS B 373 39.33 -2.65 11.34
CA LYS B 373 40.01 -3.71 10.59
C LYS B 373 40.61 -4.84 11.44
N ASP B 374 40.83 -4.62 12.74
CA ASP B 374 41.37 -5.67 13.61
C ASP B 374 40.31 -6.41 14.39
N LEU B 375 39.05 -5.99 14.27
CA LEU B 375 37.92 -6.79 14.75
C LEU B 375 37.81 -8.08 13.91
N PRO B 376 37.16 -9.14 14.46
CA PRO B 376 36.89 -10.31 13.64
C PRO B 376 35.95 -9.96 12.48
N VAL B 377 36.23 -10.50 11.30
CA VAL B 377 35.47 -10.18 10.10
C VAL B 377 33.96 -9.93 10.27
N SER B 378 33.27 -10.76 11.07
CA SER B 378 31.81 -10.66 11.18
C SER B 378 31.34 -9.38 11.82
N LEU B 379 32.24 -8.73 12.58
CA LEU B 379 31.97 -7.47 13.23
C LEU B 379 32.45 -6.24 12.43
N ARG B 380 33.05 -6.49 11.27
CA ARG B 380 33.54 -5.43 10.37
C ARG B 380 32.43 -4.87 9.51
N ARG B 381 31.53 -4.13 10.15
CA ARG B 381 30.40 -3.52 9.47
C ARG B 381 30.00 -2.40 10.38
N GLY B 382 29.14 -1.50 9.90
CA GLY B 382 28.69 -0.40 10.75
C GLY B 382 27.81 -0.88 11.89
N ALA B 383 27.64 -0.05 12.94
CA ALA B 383 26.71 -0.37 14.03
C ALA B 383 25.36 -0.81 13.38
N ASN B 384 24.96 -0.09 12.32
CA ASN B 384 24.10 -0.62 11.25
C ASN B 384 24.49 -0.01 9.89
N PRO B 385 23.87 -0.44 8.77
CA PRO B 385 24.30 0.06 7.47
C PRO B 385 24.13 1.57 7.31
N GLY B 386 23.16 2.15 8.00
CA GLY B 386 22.95 3.59 8.03
C GLY B 386 24.13 4.33 8.62
N PHE B 387 24.76 3.76 9.65
CA PHE B 387 25.99 4.40 10.26
C PHE B 387 27.07 4.56 9.21
N HIS B 388 27.25 3.52 8.42
CA HIS B 388 28.30 3.49 7.41
C HIS B 388 28.10 4.56 6.33
N GLU B 389 26.85 4.77 5.92
CA GLU B 389 26.53 5.81 4.98
C GLU B 389 26.65 7.24 5.52
N ALA B 390 26.64 7.38 6.84
CA ALA B 390 26.57 8.70 7.49
C ALA B 390 27.92 9.31 7.75
N ILE B 391 28.96 8.49 7.86
CA ILE B 391 30.27 8.94 8.41
C ILE B 391 30.84 10.08 7.58
N GLY B 392 31.00 9.85 6.28
CA GLY B 392 31.59 10.87 5.43
C GLY B 392 30.70 12.09 5.27
N ASP B 393 29.39 11.87 5.27
CA ASP B 393 28.44 12.94 5.12
C ASP B 393 28.56 13.94 6.29
N VAL B 394 28.86 13.44 7.48
CA VAL B 394 28.96 14.26 8.67
C VAL B 394 30.13 15.25 8.47
N LEU B 395 31.25 14.73 8.02
CA LEU B 395 32.40 15.60 7.71
C LEU B 395 32.06 16.60 6.60
N ALA B 396 31.35 16.14 5.57
CA ALA B 396 30.94 17.02 4.48
C ALA B 396 30.03 18.17 4.93
N LEU B 397 29.25 17.97 6.00
CA LEU B 397 28.41 19.05 6.53
C LEU B 397 29.31 20.21 7.03
N SER B 398 30.40 19.84 7.67
CA SER B 398 31.42 20.89 8.08
C SER B 398 32.09 21.51 6.88
N VAL B 399 32.49 20.70 5.91
CA VAL B 399 33.19 21.21 4.72
C VAL B 399 32.36 22.22 3.94
N SER B 400 31.05 21.96 3.84
CA SER B 400 30.10 22.79 3.10
C SER B 400 29.88 24.20 3.64
N THR B 401 30.12 24.40 4.93
CA THR B 401 29.90 25.72 5.58
C THR B 401 30.71 26.81 4.85
N PRO B 402 30.11 28.00 4.62
CA PRO B 402 30.84 29.08 3.97
C PRO B 402 32.18 29.39 4.70
N GLU B 403 32.19 29.32 6.03
CA GLU B 403 33.42 29.55 6.81
C GLU B 403 34.50 28.52 6.43
N HIS B 404 34.12 27.23 6.33
CA HIS B 404 35.10 26.23 5.92
C HIS B 404 35.57 26.43 4.47
N LEU B 405 34.64 26.68 3.56
CA LEU B 405 35.00 26.90 2.16
C LEU B 405 36.00 28.05 2.04
N HIS B 406 35.76 29.11 2.82
CA HIS B 406 36.73 30.22 2.91
C HIS B 406 38.13 29.74 3.37
N LYS B 407 38.17 28.88 4.40
CA LYS B 407 39.44 28.34 4.91
C LYS B 407 40.25 27.61 3.88
N ILE B 408 39.58 26.92 2.95
CA ILE B 408 40.26 26.12 1.93
C ILE B 408 40.33 26.83 0.57
N GLY B 409 40.04 28.13 0.55
CA GLY B 409 40.27 28.98 -0.63
C GLY B 409 39.21 28.92 -1.72
N LEU B 410 38.04 28.39 -1.39
CA LEU B 410 36.99 28.22 -2.38
C LEU B 410 35.89 29.28 -2.34
N LEU B 411 35.97 30.21 -1.40
CA LEU B 411 34.94 31.23 -1.22
C LEU B 411 35.48 32.45 -0.48
N ASP B 412 35.29 33.63 -1.05
CA ASP B 412 35.54 34.90 -0.33
C ASP B 412 34.63 35.01 0.90
N ARG B 413 35.19 35.42 2.04
CA ARG B 413 34.45 35.44 3.31
C ARG B 413 33.05 36.04 3.11
N VAL B 414 32.02 35.27 3.44
CA VAL B 414 30.65 35.79 3.28
C VAL B 414 30.29 36.61 4.51
N THR B 415 29.42 37.60 4.32
CA THR B 415 28.95 38.39 5.46
C THR B 415 27.92 37.54 6.20
N ASN B 416 28.01 37.54 7.52
CA ASN B 416 27.19 36.66 8.34
C ASN B 416 25.89 37.38 8.70
N ASP B 417 24.98 37.41 7.72
CA ASP B 417 23.67 38.05 7.87
C ASP B 417 22.57 37.02 7.69
N THR B 418 21.33 37.48 7.82
CA THR B 418 20.15 36.59 7.70
C THR B 418 19.95 35.96 6.30
N GLU B 419 20.09 36.79 5.28
CA GLU B 419 20.31 36.34 3.91
C GLU B 419 21.67 35.69 3.98
N SER B 420 22.23 35.21 2.90
CA SER B 420 23.44 34.39 3.01
C SER B 420 23.13 33.14 3.86
N ASP B 421 22.61 33.30 5.08
CA ASP B 421 22.20 32.18 5.92
C ASP B 421 21.05 31.39 5.27
N ILE B 422 20.06 32.14 4.79
CA ILE B 422 18.94 31.53 4.06
C ILE B 422 19.42 30.87 2.78
N ASN B 423 20.25 31.59 2.03
CA ASN B 423 20.90 30.99 0.85
C ASN B 423 21.56 29.65 1.17
N TYR B 424 22.35 29.61 2.24
CA TYR B 424 23.10 28.40 2.55
C TYR B 424 22.16 27.27 2.94
N LEU B 425 21.26 27.55 3.88
CA LEU B 425 20.32 26.52 4.32
C LEU B 425 19.39 26.04 3.21
N LEU B 426 19.06 26.91 2.26
CA LEU B 426 18.29 26.48 1.10
C LEU B 426 19.11 25.51 0.28
N LYS B 427 20.35 25.86 0.00
CA LYS B 427 21.21 25.00 -0.81
C LYS B 427 21.33 23.62 -0.15
N MET B 428 21.48 23.62 1.18
CA MET B 428 21.62 22.41 1.94
C MET B 428 20.30 21.63 1.91
N ALA B 429 19.16 22.32 1.93
CA ALA B 429 17.85 21.64 1.87
C ALA B 429 17.67 20.96 0.52
N LEU B 430 18.09 21.62 -0.55
CA LEU B 430 18.06 20.99 -1.90
C LEU B 430 18.80 19.64 -1.96
N GLU B 431 19.91 19.55 -1.23
CA GLU B 431 20.72 18.35 -1.17
C GLU B 431 20.15 17.30 -0.22
N LYS B 432 19.73 17.73 0.97
CA LYS B 432 19.38 16.85 2.06
C LYS B 432 17.86 16.57 2.25
N ILE B 433 17.04 17.61 2.25
CA ILE B 433 15.60 17.49 2.49
C ILE B 433 14.95 16.81 1.26
N ALA B 434 15.36 17.23 0.08
CA ALA B 434 14.76 16.74 -1.18
C ALA B 434 14.98 15.24 -1.32
N PHE B 435 16.08 14.73 -0.76
CA PHE B 435 16.39 13.33 -0.84
C PHE B 435 15.50 12.47 0.03
N LEU B 436 15.00 13.00 1.14
CA LEU B 436 14.30 12.21 2.14
C LEU B 436 13.20 11.31 1.56
N PRO B 437 12.28 11.88 0.77
CA PRO B 437 11.21 10.95 0.22
C PRO B 437 11.78 9.83 -0.65
N PHE B 438 12.82 10.12 -1.42
CA PHE B 438 13.42 9.12 -2.30
C PHE B 438 14.15 8.06 -1.49
N GLY B 439 14.98 8.50 -0.54
CA GLY B 439 15.58 7.56 0.37
C GLY B 439 14.62 6.63 1.07
N TYR B 440 13.42 7.12 1.39
CA TYR B 440 12.40 6.33 2.08
C TYR B 440 11.69 5.37 1.10
N LEU B 441 11.40 5.83 -0.11
CA LEU B 441 10.49 5.03 -0.98
C LEU B 441 11.14 3.86 -1.70
N VAL B 442 12.43 3.91 -1.98
CA VAL B 442 13.08 2.90 -2.80
C VAL B 442 12.91 1.51 -2.22
N ASP B 443 13.21 1.36 -0.94
CA ASP B 443 13.02 0.06 -0.32
C ASP B 443 11.58 -0.22 0.04
N GLN B 444 10.72 0.78 0.12
CA GLN B 444 9.28 0.44 0.22
C GLN B 444 8.87 -0.29 -1.03
N TRP B 445 9.32 0.19 -2.18
CA TRP B 445 9.07 -0.50 -3.49
C TRP B 445 9.68 -1.91 -3.46
N ARG B 446 10.96 -2.00 -3.10
CA ARG B 446 11.61 -3.28 -3.10
C ARG B 446 11.08 -4.29 -2.07
N TRP B 447 10.69 -3.82 -0.86
CA TRP B 447 10.12 -4.70 0.13
C TRP B 447 8.80 -5.28 -0.38
N GLY B 448 8.04 -4.46 -1.08
CA GLY B 448 6.80 -4.94 -1.76
C GLY B 448 7.02 -5.96 -2.85
N VAL B 449 8.07 -5.79 -3.63
CA VAL B 449 8.47 -6.74 -4.64
C VAL B 449 8.90 -8.03 -3.96
N PHE B 450 9.78 -7.95 -2.95
CA PHE B 450 10.22 -9.21 -2.28
C PHE B 450 9.05 -9.96 -1.61
N SER B 451 8.10 -9.24 -1.03
CA SER B 451 7.00 -9.87 -0.33
C SER B 451 5.95 -10.48 -1.25
N GLY B 452 6.00 -10.14 -2.54
CA GLY B 452 4.98 -10.55 -3.50
C GLY B 452 3.80 -9.60 -3.60
N ARG B 453 3.76 -8.56 -2.77
CA ARG B 453 2.75 -7.52 -2.88
C ARG B 453 2.75 -6.82 -4.25
N THR B 454 3.93 -6.68 -4.84
CA THR B 454 4.14 -6.08 -6.14
C THR B 454 4.73 -7.11 -7.08
N PRO B 455 3.85 -7.83 -7.81
CA PRO B 455 4.36 -8.75 -8.81
C PRO B 455 4.88 -8.01 -10.02
N PRO B 456 5.59 -8.70 -10.93
CA PRO B 456 6.05 -8.10 -12.17
C PRO B 456 5.05 -7.25 -12.93
N SER B 457 3.78 -7.67 -12.93
CA SER B 457 2.74 -6.92 -13.56
C SER B 457 2.43 -5.57 -12.97
N ARG B 458 2.98 -5.27 -11.78
CA ARG B 458 2.81 -3.96 -11.18
C ARG B 458 4.12 -3.29 -10.77
N TYR B 459 5.25 -3.75 -11.30
CA TYR B 459 6.57 -3.09 -10.95
C TYR B 459 6.54 -1.59 -11.18
N ASN B 460 6.06 -1.17 -12.34
CA ASN B 460 6.13 0.27 -12.73
C ASN B 460 4.97 1.08 -12.14
N PHE B 461 3.79 0.47 -12.11
CA PHE B 461 2.62 1.05 -11.47
C PHE B 461 2.92 1.38 -10.00
N ASP B 462 3.54 0.46 -9.27
CA ASP B 462 3.76 0.65 -7.85
C ASP B 462 4.96 1.59 -7.67
N TRP B 463 5.95 1.52 -8.55
CA TRP B 463 7.08 2.49 -8.51
C TRP B 463 6.55 3.92 -8.61
N TRP B 464 5.76 4.21 -9.64
CA TRP B 464 5.24 5.56 -9.83
C TRP B 464 4.20 5.96 -8.78
N TYR B 465 3.44 5.00 -8.25
CA TYR B 465 2.57 5.28 -7.12
C TYR B 465 3.42 5.89 -6.00
N LEU B 466 4.54 5.24 -5.71
CA LEU B 466 5.39 5.66 -4.57
C LEU B 466 6.14 6.95 -4.89
N ARG B 467 6.60 7.07 -6.12
CA ARG B 467 7.30 8.31 -6.55
C ARG B 467 6.39 9.49 -6.43
N THR B 468 5.16 9.34 -6.89
CA THR B 468 4.19 10.43 -6.77
C THR B 468 3.77 10.67 -5.29
N LYS B 469 3.47 9.61 -4.56
CA LYS B 469 3.06 9.70 -3.18
C LYS B 469 4.07 10.51 -2.33
N TYR B 470 5.33 10.13 -2.46
CA TYR B 470 6.42 10.68 -1.59
C TYR B 470 7.14 11.87 -2.19
N GLN B 471 7.62 11.76 -3.41
CA GLN B 471 8.33 12.89 -4.04
C GLN B 471 7.43 13.93 -4.72
N GLY B 472 6.19 13.61 -5.04
CA GLY B 472 5.40 14.59 -5.72
C GLY B 472 5.93 14.92 -7.10
N ILE B 473 6.42 13.90 -7.80
CA ILE B 473 6.86 14.01 -9.16
C ILE B 473 6.02 13.07 -10.04
N CYS B 474 6.08 13.33 -11.33
CA CYS B 474 5.40 12.50 -12.34
C CYS B 474 6.32 12.27 -13.51
N PRO B 475 6.16 11.12 -14.20
CA PRO B 475 6.99 10.91 -15.37
C PRO B 475 6.61 11.87 -16.48
N PRO B 476 7.60 12.44 -17.21
CA PRO B 476 7.32 13.46 -18.23
C PRO B 476 6.93 12.88 -19.57
N VAL B 477 6.97 11.56 -19.69
CA VAL B 477 6.38 10.84 -20.84
C VAL B 477 5.60 9.68 -20.26
N THR B 478 4.63 9.18 -21.01
CA THR B 478 3.81 8.06 -20.56
C THR B 478 4.70 6.84 -20.32
N ARG B 479 4.42 6.12 -19.23
CA ARG B 479 5.04 4.85 -18.94
C ARG B 479 3.97 3.73 -18.87
N ASN B 480 4.41 2.54 -19.20
CA ASN B 480 3.62 1.32 -18.99
C ASN B 480 4.50 0.20 -18.40
N GLU B 481 3.94 -1.00 -18.27
CA GLU B 481 4.68 -2.08 -17.60
C GLU B 481 5.80 -2.74 -18.40
N THR B 482 6.00 -2.32 -19.64
CA THR B 482 7.19 -2.68 -20.40
C THR B 482 8.38 -1.90 -19.81
N HIS B 483 8.07 -0.73 -19.33
CA HIS B 483 9.11 0.08 -18.65
C HIS B 483 9.35 -0.45 -17.24
N PHE B 484 10.60 -0.32 -16.77
CA PHE B 484 10.99 -0.79 -15.46
C PHE B 484 11.89 0.31 -14.92
N ASP B 485 11.23 1.39 -14.52
CA ASP B 485 11.94 2.62 -14.18
C ASP B 485 12.76 2.50 -12.89
N ALA B 486 12.34 1.62 -11.98
CA ALA B 486 13.15 1.31 -10.78
C ALA B 486 14.50 0.74 -11.20
N GLY B 487 14.53 -0.07 -12.27
CA GLY B 487 15.79 -0.66 -12.76
C GLY B 487 16.84 0.35 -13.26
N ALA B 488 16.40 1.58 -13.54
CA ALA B 488 17.27 2.64 -14.06
C ALA B 488 17.99 3.39 -12.95
N LYS B 489 17.83 2.94 -11.72
CA LYS B 489 18.55 3.44 -10.56
C LYS B 489 19.57 2.41 -10.12
N PHE B 490 20.85 2.81 -9.98
CA PHE B 490 21.93 1.85 -9.71
C PHE B 490 21.63 0.74 -8.74
N HIS B 491 21.10 1.08 -7.59
CA HIS B 491 21.05 0.17 -6.45
C HIS B 491 20.08 -1.01 -6.71
N VAL B 492 19.21 -0.86 -7.66
CA VAL B 492 18.21 -1.91 -7.91
C VAL B 492 18.89 -3.11 -8.63
N PRO B 493 19.38 -2.92 -9.88
CA PRO B 493 20.09 -4.04 -10.50
C PRO B 493 21.37 -4.48 -9.76
N ASN B 494 22.01 -3.54 -9.02
CA ASN B 494 23.21 -3.88 -8.29
C ASN B 494 22.92 -4.36 -6.86
N VAL B 495 21.64 -4.61 -6.57
CA VAL B 495 21.18 -5.30 -5.36
C VAL B 495 21.78 -4.73 -4.07
N THR B 496 21.82 -3.40 -4.00
CA THR B 496 22.35 -2.71 -2.83
C THR B 496 21.15 -2.12 -2.09
N PRO B 497 20.90 -2.53 -0.83
CA PRO B 497 19.78 -1.97 -0.08
C PRO B 497 19.84 -0.44 0.02
N TYR B 498 18.68 0.18 0.16
CA TYR B 498 18.56 1.64 0.10
C TYR B 498 18.15 2.35 1.39
N ILE B 499 17.45 1.67 2.29
CA ILE B 499 16.87 2.32 3.47
C ILE B 499 18.00 2.92 4.34
N ARG B 500 19.18 2.32 4.26
CA ARG B 500 20.39 2.88 4.85
C ARG B 500 20.60 4.36 4.58
N TYR B 501 20.21 4.82 3.39
CA TYR B 501 20.41 6.21 3.04
C TYR B 501 19.41 7.14 3.72
N PHE B 502 18.14 6.73 3.81
CA PHE B 502 17.19 7.45 4.64
C PHE B 502 17.68 7.53 6.09
N VAL B 503 18.05 6.39 6.65
CA VAL B 503 18.57 6.32 8.02
C VAL B 503 19.78 7.26 8.15
N SER B 504 20.68 7.21 7.17
CA SER B 504 21.89 8.11 7.13
C SER B 504 21.60 9.59 7.16
N PHE B 505 20.61 10.01 6.40
CA PHE B 505 20.33 11.44 6.26
C PHE B 505 19.74 12.02 7.53
N VAL B 506 19.07 11.19 8.31
CA VAL B 506 18.59 11.58 9.64
C VAL B 506 19.75 11.49 10.63
N LEU B 507 20.44 10.34 10.63
CA LEU B 507 21.50 10.08 11.58
C LEU B 507 22.62 11.12 11.49
N GLN B 508 22.96 11.51 10.27
CA GLN B 508 24.14 12.42 10.13
C GLN B 508 23.96 13.76 10.88
N PHE B 509 22.71 14.23 10.97
CA PHE B 509 22.44 15.44 11.78
C PHE B 509 22.51 15.20 13.30
N GLN B 510 22.14 14.01 13.75
CA GLN B 510 22.38 13.63 15.13
C GLN B 510 23.87 13.58 15.45
N PHE B 511 24.65 13.02 14.51
CA PHE B 511 26.09 12.93 14.66
C PHE B 511 26.73 14.31 14.69
N HIS B 512 26.33 15.14 13.74
CA HIS B 512 26.84 16.50 13.60
C HIS B 512 26.62 17.28 14.90
N GLU B 513 25.40 17.19 15.41
CA GLU B 513 25.07 17.88 16.66
C GLU B 513 25.93 17.41 17.83
N ALA B 514 26.14 16.09 17.95
CA ALA B 514 26.98 15.55 19.03
C ALA B 514 28.43 15.98 18.86
N LEU B 515 28.92 15.98 17.62
CA LEU B 515 30.30 16.36 17.39
C LEU B 515 30.54 17.83 17.58
N CYS B 516 29.57 18.65 17.20
CA CYS B 516 29.67 20.09 17.35
C CYS B 516 29.68 20.51 18.80
N LYS B 517 28.81 19.91 19.60
CA LYS B 517 28.79 20.17 21.04
C LYS B 517 30.12 19.76 21.67
N GLU B 518 30.56 18.57 21.32
CA GLU B 518 31.81 18.02 21.82
C GLU B 518 33.05 18.85 21.44
N ALA B 519 33.00 19.49 20.27
CA ALA B 519 34.08 20.39 19.84
C ALA B 519 34.13 21.74 20.58
N GLY B 520 33.12 22.02 21.40
CA GLY B 520 32.98 23.30 22.13
C GLY B 520 32.31 24.38 21.30
N TYR B 521 31.78 24.04 20.13
CA TYR B 521 31.16 25.03 19.28
C TYR B 521 29.84 25.41 19.96
N GLU B 522 29.53 26.70 19.96
CA GLU B 522 28.34 27.24 20.62
C GLU B 522 27.46 28.16 19.78
N GLY B 523 27.80 28.34 18.50
CA GLY B 523 26.96 29.05 17.57
C GLY B 523 25.85 28.20 16.96
N PRO B 524 25.15 28.74 15.95
CA PRO B 524 24.12 27.99 15.24
C PRO B 524 24.64 26.66 14.70
N LEU B 525 23.81 25.61 14.80
CA LEU B 525 24.24 24.25 14.45
C LEU B 525 24.74 24.17 13.00
N HIS B 526 24.12 24.95 12.13
CA HIS B 526 24.42 24.93 10.68
C HIS B 526 25.67 25.74 10.28
N GLN B 527 26.29 26.39 11.25
CA GLN B 527 27.56 27.12 11.06
C GLN B 527 28.74 26.41 11.75
N CYS B 528 28.49 25.26 12.35
CA CYS B 528 29.54 24.46 13.00
C CYS B 528 30.47 23.83 11.99
N ASP B 529 31.77 23.91 12.29
CA ASP B 529 32.81 23.23 11.52
C ASP B 529 33.69 22.52 12.53
N ILE B 530 33.73 21.20 12.49
CA ILE B 530 34.50 20.39 13.44
C ILE B 530 35.95 20.16 13.02
N TYR B 531 36.35 20.72 11.88
CA TYR B 531 37.73 20.72 11.40
C TYR B 531 38.70 20.97 12.54
N ARG B 532 39.68 20.08 12.66
CA ARG B 532 40.76 20.19 13.68
C ARG B 532 40.32 19.98 15.12
N SER B 533 39.09 19.53 15.36
CA SER B 533 38.69 19.16 16.71
C SER B 533 39.10 17.72 17.00
N THR B 534 40.17 17.59 17.76
CA THR B 534 40.62 16.30 18.23
C THR B 534 39.60 15.64 19.18
N LYS B 535 38.84 16.45 19.95
CA LYS B 535 37.77 15.93 20.82
C LYS B 535 36.63 15.31 19.97
N ALA B 536 36.14 16.06 19.00
CA ALA B 536 35.14 15.55 18.03
C ALA B 536 35.67 14.26 17.38
N GLY B 537 36.90 14.32 16.88
CA GLY B 537 37.62 13.17 16.35
C GLY B 537 37.60 11.94 17.26
N ALA B 538 37.89 12.12 18.55
CA ALA B 538 37.85 11.01 19.49
C ALA B 538 36.46 10.40 19.62
N LYS B 539 35.42 11.24 19.69
CA LYS B 539 34.05 10.74 19.85
C LYS B 539 33.62 9.90 18.65
N LEU B 540 33.99 10.35 17.45
CA LEU B 540 33.69 9.60 16.22
C LEU B 540 34.50 8.30 16.15
N ARG B 541 35.76 8.35 16.57
CA ARG B 541 36.61 7.18 16.52
C ARG B 541 36.06 6.03 17.39
N LYS B 542 35.43 6.36 18.52
CA LYS B 542 34.76 5.36 19.39
C LYS B 542 33.67 4.63 18.58
N VAL B 543 32.84 5.39 17.89
CA VAL B 543 31.81 4.77 17.00
C VAL B 543 32.50 3.85 16.00
N LEU B 544 33.50 4.37 15.31
CA LEU B 544 34.11 3.65 14.18
C LEU B 544 34.75 2.33 14.53
N ARG B 545 35.56 2.34 15.60
CA ARG B 545 36.25 1.15 16.08
C ARG B 545 35.33 0.04 16.58
N ALA B 546 34.13 0.39 17.05
CA ALA B 546 33.14 -0.58 17.56
C ALA B 546 32.63 -1.55 16.49
N GLY B 547 32.64 -1.11 15.23
CA GLY B 547 32.08 -1.90 14.13
C GLY B 547 30.65 -2.28 14.48
N SER B 548 30.33 -3.56 14.34
CA SER B 548 29.00 -4.08 14.74
C SER B 548 29.10 -5.03 15.96
N SER B 549 29.99 -4.70 16.89
CA SER B 549 30.21 -5.54 18.07
C SER B 549 29.15 -5.29 19.15
N ARG B 550 28.57 -4.09 19.14
CA ARG B 550 27.50 -3.71 20.05
C ARG B 550 26.21 -3.24 19.33
N PRO B 551 25.05 -3.41 20.00
CA PRO B 551 23.78 -2.87 19.49
C PRO B 551 23.89 -1.38 19.12
N TRP B 552 23.39 -1.00 17.95
CA TRP B 552 23.57 0.36 17.46
C TRP B 552 22.91 1.38 18.37
N GLN B 553 21.88 0.95 19.11
CA GLN B 553 21.15 1.84 20.00
C GLN B 553 22.06 2.28 21.15
N GLU B 554 22.93 1.37 21.57
CA GLU B 554 23.90 1.63 22.64
C GLU B 554 25.03 2.54 22.17
N VAL B 555 25.54 2.23 20.99
CA VAL B 555 26.58 3.01 20.33
C VAL B 555 26.10 4.42 20.09
N LEU B 556 24.84 4.56 19.70
CA LEU B 556 24.27 5.85 19.45
C LEU B 556 24.11 6.60 20.75
N LYS B 557 23.56 5.96 21.79
CA LYS B 557 23.35 6.63 23.10
C LYS B 557 24.66 7.23 23.63
N ASP B 558 25.74 6.44 23.51
CA ASP B 558 27.10 6.83 23.91
C ASP B 558 27.55 8.08 23.18
N MET B 559 27.24 8.14 21.89
CA MET B 559 27.69 9.25 21.05
C MET B 559 26.82 10.48 21.20
N VAL B 560 25.50 10.29 21.14
CA VAL B 560 24.58 11.43 20.96
C VAL B 560 23.71 11.74 22.18
N GLY B 561 23.67 10.84 23.15
CA GLY B 561 22.81 10.99 24.36
C GLY B 561 21.44 10.30 24.28
N LEU B 562 21.10 9.79 23.10
CA LEU B 562 19.80 9.21 22.83
C LEU B 562 20.01 7.86 22.13
N ASP B 563 19.16 6.88 22.42
CA ASP B 563 19.32 5.50 21.86
C ASP B 563 18.46 5.22 20.60
N ALA B 564 17.95 6.28 19.98
CA ALA B 564 17.04 6.12 18.86
C ALA B 564 17.35 7.12 17.77
N LEU B 565 16.88 6.81 16.55
CA LEU B 565 16.88 7.78 15.47
C LEU B 565 15.96 8.92 15.87
N ASP B 566 16.36 10.14 15.53
CA ASP B 566 15.70 11.35 15.99
C ASP B 566 15.86 12.41 14.90
N ALA B 567 14.73 12.99 14.52
CA ALA B 567 14.69 14.03 13.50
C ALA B 567 14.97 15.41 14.05
N GLN B 568 14.94 15.58 15.36
CA GLN B 568 15.03 16.93 15.93
C GLN B 568 16.32 17.65 15.52
N PRO B 569 17.46 16.93 15.49
CA PRO B 569 18.70 17.62 15.06
C PRO B 569 18.63 18.16 13.64
N LEU B 570 18.04 17.35 12.74
CA LEU B 570 17.84 17.81 11.39
C LEU B 570 16.92 19.02 11.37
N LEU B 571 15.78 18.92 12.08
CA LEU B 571 14.84 20.06 12.18
C LEU B 571 15.51 21.36 12.69
N LYS B 572 16.37 21.23 13.69
CA LYS B 572 17.04 22.37 14.32
C LYS B 572 18.08 22.97 13.38
N TYR B 573 18.77 22.12 12.62
CA TYR B 573 19.71 22.56 11.60
C TYR B 573 19.02 23.47 10.57
N PHE B 574 17.83 23.07 10.12
CA PHE B 574 17.14 23.75 9.05
C PHE B 574 16.10 24.79 9.48
N GLN B 575 15.85 24.91 10.80
CA GLN B 575 14.84 25.84 11.37
C GLN B 575 14.60 27.13 10.61
N LEU B 576 15.66 27.90 10.37
CA LEU B 576 15.49 29.22 9.73
C LEU B 576 14.91 29.16 8.32
N VAL B 577 15.37 28.21 7.50
CA VAL B 577 14.89 28.10 6.13
C VAL B 577 13.50 27.41 6.07
N THR B 578 13.23 26.54 7.03
CA THR B 578 11.91 25.96 7.24
C THR B 578 10.87 27.06 7.44
N GLN B 579 11.20 28.07 8.24
CA GLN B 579 10.34 29.27 8.42
C GLN B 579 10.23 30.12 7.18
N TRP B 580 11.40 30.43 6.62
CA TRP B 580 11.42 31.32 5.45
C TRP B 580 10.58 30.70 4.32
N LEU B 581 10.68 29.38 4.13
CA LEU B 581 9.98 28.68 3.06
C LEU B 581 8.46 28.72 3.23
N GLN B 582 7.99 28.41 4.44
CA GLN B 582 6.55 28.53 4.75
C GLN B 582 6.08 29.91 4.34
N GLU B 583 6.83 30.92 4.77
CA GLU B 583 6.43 32.28 4.58
C GLU B 583 6.37 32.66 3.12
N GLN B 584 7.36 32.24 2.34
CA GLN B 584 7.37 32.50 0.89
C GLN B 584 6.19 31.85 0.15
N ASN B 585 5.94 30.61 0.51
CA ASN B 585 4.82 29.84 -0.03
C ASN B 585 3.47 30.47 0.27
N GLN B 586 3.29 30.96 1.49
CA GLN B 586 2.03 31.66 1.86
C GLN B 586 1.78 32.93 1.07
N GLN B 587 2.82 33.73 0.95
CA GLN B 587 2.76 34.98 0.19
C GLN B 587 2.44 34.77 -1.28
N ASN B 588 2.96 33.67 -1.86
CA ASN B 588 2.66 33.32 -3.25
C ASN B 588 1.37 32.53 -3.40
N GLY B 589 0.76 32.20 -2.26
CA GLY B 589 -0.54 31.55 -2.21
C GLY B 589 -0.42 30.12 -2.67
N GLU B 590 0.66 29.45 -2.32
CA GLU B 590 0.93 28.10 -2.85
C GLU B 590 -0.01 27.08 -2.24
N VAL B 591 -0.28 26.05 -3.02
CA VAL B 591 -0.90 24.84 -2.50
C VAL B 591 0.25 23.90 -2.15
N LEU B 592 0.31 23.46 -0.89
CA LEU B 592 1.27 22.45 -0.45
C LEU B 592 0.74 21.11 -0.87
N GLY B 593 1.57 20.38 -1.60
CA GLY B 593 1.17 19.06 -2.10
C GLY B 593 0.81 19.17 -3.57
N TRP B 594 0.17 18.10 -4.07
CA TRP B 594 -0.06 17.97 -5.49
C TRP B 594 -1.42 17.30 -5.65
N PRO B 595 -2.48 18.02 -5.26
CA PRO B 595 -3.82 17.43 -5.33
C PRO B 595 -4.29 17.02 -6.73
N GLU B 596 -3.75 17.61 -7.77
CA GLU B 596 -3.97 17.14 -9.15
C GLU B 596 -2.98 16.00 -9.48
N TYR B 597 -3.21 14.88 -8.80
CA TYR B 597 -2.27 13.76 -8.74
C TYR B 597 -2.21 13.03 -10.06
N GLN B 598 -3.24 13.23 -10.89
CA GLN B 598 -3.28 12.64 -12.22
C GLN B 598 -2.48 13.38 -13.26
N TRP B 599 -2.01 14.59 -12.95
CA TRP B 599 -1.47 15.45 -13.97
C TRP B 599 -0.13 14.96 -14.48
N HIS B 600 0.04 15.06 -15.79
CA HIS B 600 1.30 14.83 -16.47
C HIS B 600 1.47 15.93 -17.51
N PRO B 601 2.72 16.36 -17.73
CA PRO B 601 2.94 17.38 -18.74
C PRO B 601 2.72 16.85 -20.15
N PRO B 602 2.45 17.74 -21.12
CA PRO B 602 2.38 17.32 -22.52
C PRO B 602 3.79 17.13 -23.09
N LEU B 603 3.86 16.47 -24.23
CA LEU B 603 5.12 16.37 -24.95
C LEU B 603 5.46 17.72 -25.56
N PRO B 604 6.74 18.07 -25.64
CA PRO B 604 7.10 19.22 -26.46
C PRO B 604 6.74 19.00 -27.92
N ASP B 605 6.50 20.07 -28.65
CA ASP B 605 6.12 19.97 -30.06
C ASP B 605 7.30 19.47 -30.91
N ASN B 606 7.00 18.52 -31.80
CA ASN B 606 7.99 17.92 -32.71
C ASN B 606 8.98 16.95 -32.03
N TYR B 607 8.72 16.57 -30.78
CA TYR B 607 9.61 15.71 -30.01
C TYR B 607 9.54 14.27 -30.53
N PRO B 608 10.68 13.62 -30.79
CA PRO B 608 12.03 14.10 -30.49
C PRO B 608 12.78 14.79 -31.65
N GLU B 609 12.19 14.84 -32.84
CA GLU B 609 12.85 15.45 -34.01
C GLU B 609 13.11 16.96 -33.83
N GLY B 610 14.39 17.36 -33.90
CA GLY B 610 14.78 18.75 -33.68
C GLY B 610 15.02 19.02 -32.20
N ILE C 7 -28.13 -4.48 0.42
CA ILE C 7 -27.44 -5.08 -0.77
C ILE C 7 -26.03 -4.48 -0.88
N ALA C 8 -25.09 -5.24 -1.42
CA ALA C 8 -23.76 -4.72 -1.77
C ALA C 8 -23.84 -3.55 -2.70
N ILE D 7 27.90 5.91 -3.03
CA ILE D 7 27.04 7.11 -2.89
C ILE D 7 25.57 6.71 -3.12
N ALA D 8 24.66 7.44 -2.49
CA ALA D 8 23.21 7.30 -2.75
C ALA D 8 22.90 7.49 -4.20
#